data_8Q80
#
_entry.id   8Q80
#
_cell.length_a   68.160
_cell.length_b   85.676
_cell.length_c   68.188
_cell.angle_alpha   90.000
_cell.angle_beta   102.062
_cell.angle_gamma   90.000
#
_symmetry.space_group_name_H-M   'P 1 21 1'
#
loop_
_entity.id
_entity.type
_entity.pdbx_description
1 polymer 'Photorhabdus luminescens subsp. laumondii TTO1 complete genome segment 3/17'
2 non-polymer 'methyl alpha-L-fucopyranoside'
3 water water
#
_entity_poly.entity_id   1
_entity_poly.type   'polypeptide(L)'
_entity_poly.pdbx_seq_one_letter_code
;MQEEPTNIPRPDNAELLVASEVAIENAAIALSEIVSVVNTSDGRIEVFGVGTDNAVWHNRQTAPHSGSSWTGWISLNGKV
TSKPVVYINTDGRLEVFARGTDNALWHIWQTATNAGWSNWQSLGGTITSNPAVYVNTDGRIDVFARGTDNALWHISQTAA
HSGPWSSWQSLNGVITSNPAVHINSDGRLEVFARGTDNALWHIWQTAPDSNQWSGWDSLGGVITSDPVVIGTADGRLEVF
ARGSNNALYHIWQTVPHGGPWSNWASLNGVITSAPAVVKNSDGRLEVFARGTNNALYHIWQTVSHSGPWSNWATLNGTIT
SAPTAVEDADGRLEVFARGTDNALWNIWQATPSWSAWVSLKGSLIDASAIK
;
_entity_poly.pdbx_strand_id   A,B
#
# COMPACT_ATOMS: atom_id res chain seq x y z
N ILE A 29 14.85 -18.91 -22.12
CA ILE A 29 13.95 -17.88 -21.49
C ILE A 29 13.59 -16.79 -22.52
N ALA A 30 12.30 -16.41 -22.63
CA ALA A 30 11.90 -15.27 -23.46
C ALA A 30 12.68 -14.00 -23.07
N LEU A 31 12.79 -13.05 -24.02
CA LEU A 31 13.55 -11.81 -23.81
C LEU A 31 13.03 -11.08 -22.56
N SER A 32 13.97 -10.71 -21.68
CA SER A 32 13.67 -10.20 -20.33
C SER A 32 13.28 -8.72 -20.33
N GLU A 33 12.78 -8.31 -19.16
CA GLU A 33 12.73 -6.90 -18.78
C GLU A 33 14.15 -6.31 -18.67
N ILE A 34 14.25 -5.00 -18.96
CA ILE A 34 15.53 -4.32 -19.12
C ILE A 34 15.73 -3.36 -17.94
N VAL A 35 14.63 -2.91 -17.31
CA VAL A 35 14.71 -2.04 -16.15
C VAL A 35 13.91 -2.63 -14.99
N SER A 36 14.28 -2.14 -13.81
CA SER A 36 13.53 -2.32 -12.58
C SER A 36 12.94 -0.96 -12.21
N VAL A 37 11.66 -0.95 -11.82
CA VAL A 37 10.98 0.31 -11.60
C VAL A 37 10.31 0.33 -10.24
N VAL A 38 10.26 1.53 -9.66
CA VAL A 38 9.64 1.71 -8.36
C VAL A 38 8.94 3.06 -8.29
N ASN A 39 7.88 3.07 -7.47
CA ASN A 39 7.23 4.29 -7.01
C ASN A 39 7.97 4.79 -5.78
N THR A 40 8.63 5.93 -5.84
CA THR A 40 9.26 6.47 -4.64
C THR A 40 8.24 6.96 -3.63
N SER A 41 8.73 7.20 -2.40
CA SER A 41 7.86 7.65 -1.30
C SER A 41 7.39 9.08 -1.54
N ASP A 42 7.89 9.76 -2.56
CA ASP A 42 7.37 11.10 -2.85
C ASP A 42 6.61 11.12 -4.20
N GLY A 43 6.15 9.95 -4.65
CA GLY A 43 5.21 9.80 -5.76
C GLY A 43 5.83 9.90 -7.16
N ARG A 44 7.16 9.77 -7.29
CA ARG A 44 7.82 9.79 -8.58
C ARG A 44 8.23 8.37 -8.99
N ILE A 45 8.08 8.07 -10.29
CA ILE A 45 8.65 6.83 -10.80
C ILE A 45 10.16 7.01 -10.94
N GLU A 46 10.90 5.95 -10.55
CA GLU A 46 12.35 5.90 -10.69
C GLU A 46 12.67 4.56 -11.35
N VAL A 47 13.44 4.62 -12.44
CA VAL A 47 13.81 3.46 -13.24
C VAL A 47 15.33 3.23 -13.12
N PHE A 48 15.68 1.95 -13.08
CA PHE A 48 17.03 1.48 -12.89
C PHE A 48 17.37 0.47 -13.96
N GLY A 49 18.53 0.68 -14.61
CA GLY A 49 18.95 -0.25 -15.64
C GLY A 49 20.47 -0.39 -15.69
N VAL A 50 20.96 -1.26 -16.57
CA VAL A 50 22.39 -1.42 -16.74
C VAL A 50 22.83 -0.72 -18.02
N GLY A 51 23.86 0.11 -17.91
CA GLY A 51 24.43 0.81 -19.05
C GLY A 51 25.45 -0.03 -19.81
N THR A 52 25.92 0.53 -20.93
CA THR A 52 26.93 -0.13 -21.77
C THR A 52 28.25 -0.28 -21.04
N ASP A 53 28.39 0.36 -19.88
CA ASP A 53 29.57 0.21 -19.04
C ASP A 53 29.33 -0.84 -17.98
N ASN A 54 28.15 -1.46 -17.98
CA ASN A 54 27.80 -2.44 -16.95
C ASN A 54 27.62 -1.82 -15.57
N ALA A 55 27.51 -0.49 -15.49
CA ALA A 55 27.19 0.18 -14.23
C ALA A 55 25.66 0.29 -14.15
N VAL A 56 25.14 0.48 -12.92
CA VAL A 56 23.73 0.71 -12.69
C VAL A 56 23.48 2.20 -12.83
N TRP A 57 22.56 2.54 -13.73
CA TRP A 57 22.07 3.89 -13.94
C TRP A 57 20.61 4.02 -13.52
N HIS A 58 20.22 5.23 -13.12
CA HIS A 58 18.83 5.52 -12.77
C HIS A 58 18.37 6.87 -13.29
N ASN A 59 17.06 6.98 -13.46
CA ASN A 59 16.40 8.16 -13.99
C ASN A 59 15.09 8.30 -13.19
N ARG A 60 14.71 9.54 -12.85
CA ARG A 60 13.58 9.80 -11.97
C ARG A 60 12.70 10.87 -12.61
N GLN A 61 11.37 10.72 -12.49
CA GLN A 61 10.46 11.81 -12.83
C GLN A 61 10.82 13.05 -12.01
N THR A 62 10.72 14.22 -12.65
CA THR A 62 10.93 15.47 -11.93
C THR A 62 9.70 15.79 -11.10
N ALA A 63 8.51 15.34 -11.54
CA ALA A 63 7.23 15.70 -10.97
C ALA A 63 6.37 14.46 -10.83
N PRO A 64 5.60 14.31 -9.74
CA PRO A 64 4.80 13.09 -9.53
C PRO A 64 3.52 13.06 -10.37
N HIS A 65 3.68 13.12 -11.69
CA HIS A 65 2.52 13.13 -12.58
C HIS A 65 2.86 12.41 -13.87
N SER A 66 1.82 11.89 -14.53
CA SER A 66 1.92 11.37 -15.89
C SER A 66 2.48 12.44 -16.83
N GLY A 67 3.40 12.04 -17.72
CA GLY A 67 4.01 12.88 -18.75
C GLY A 67 5.01 13.92 -18.22
N SER A 68 5.32 13.86 -16.93
CA SER A 68 6.40 14.64 -16.33
C SER A 68 7.68 14.49 -17.16
N SER A 69 8.54 15.51 -17.04
CA SER A 69 9.91 15.40 -17.51
C SER A 69 10.71 14.56 -16.52
N TRP A 70 11.94 14.23 -16.92
CA TRP A 70 12.82 13.32 -16.20
C TRP A 70 14.11 14.04 -15.84
N THR A 71 14.73 13.60 -14.74
CA THR A 71 16.02 14.10 -14.29
C THR A 71 17.10 13.87 -15.33
N GLY A 72 16.97 12.81 -16.15
CA GLY A 72 18.09 12.30 -16.91
C GLY A 72 18.88 11.24 -16.14
N TRP A 73 19.73 10.51 -16.86
CA TRP A 73 20.37 9.32 -16.32
C TRP A 73 21.54 9.69 -15.40
N ILE A 74 21.58 9.08 -14.21
CA ILE A 74 22.61 9.31 -13.21
C ILE A 74 23.20 7.94 -12.89
N SER A 75 24.51 7.84 -12.75
CA SER A 75 25.09 6.54 -12.51
C SER A 75 25.19 6.28 -11.01
N LEU A 76 24.95 5.04 -10.59
CA LEU A 76 25.27 4.54 -9.26
C LEU A 76 26.62 3.82 -9.29
N ASN A 77 27.28 3.84 -10.46
CA ASN A 77 28.55 3.12 -10.64
C ASN A 77 28.36 1.61 -10.44
N GLY A 78 29.40 0.94 -9.92
CA GLY A 78 29.45 -0.51 -9.85
C GLY A 78 29.68 -1.17 -11.21
N LYS A 79 29.79 -2.50 -11.18
CA LYS A 79 29.86 -3.32 -12.37
C LYS A 79 29.06 -4.58 -12.10
N VAL A 80 27.94 -4.74 -12.81
CA VAL A 80 27.01 -5.81 -12.52
C VAL A 80 26.87 -6.76 -13.71
N THR A 81 26.46 -7.99 -13.35
CA THR A 81 26.29 -9.11 -14.25
C THR A 81 24.90 -9.72 -14.11
N SER A 82 23.95 -8.96 -13.53
CA SER A 82 22.55 -9.38 -13.59
C SER A 82 21.70 -8.16 -13.90
N LYS A 83 20.41 -8.39 -14.19
CA LYS A 83 19.41 -7.35 -14.06
C LYS A 83 19.50 -6.81 -12.62
N PRO A 84 19.52 -5.47 -12.42
CA PRO A 84 19.46 -4.87 -11.08
C PRO A 84 18.02 -4.76 -10.61
N VAL A 85 17.79 -5.01 -9.33
CA VAL A 85 16.44 -5.01 -8.83
C VAL A 85 16.36 -3.99 -7.69
N VAL A 86 15.50 -2.98 -7.89
CA VAL A 86 15.28 -1.99 -6.86
C VAL A 86 14.13 -2.41 -5.97
N TYR A 87 14.19 -2.00 -4.72
CA TYR A 87 13.11 -2.24 -3.81
C TYR A 87 13.06 -1.09 -2.83
N ILE A 88 11.88 -0.74 -2.31
CA ILE A 88 11.82 0.39 -1.39
C ILE A 88 11.69 -0.17 0.02
N ASN A 89 12.63 0.19 0.90
CA ASN A 89 12.55 -0.20 2.30
C ASN A 89 11.31 0.42 2.94
N THR A 90 10.88 -0.11 4.09
CA THR A 90 9.64 0.39 4.69
C THR A 90 9.83 1.80 5.24
N ASP A 91 11.07 2.29 5.32
CA ASP A 91 11.31 3.67 5.72
C ASP A 91 11.48 4.56 4.48
N GLY A 92 11.17 4.04 3.29
CA GLY A 92 11.19 4.90 2.11
C GLY A 92 12.55 4.96 1.39
N ARG A 93 13.59 4.35 1.94
CA ARG A 93 14.90 4.33 1.28
C ARG A 93 14.97 3.26 0.19
N LEU A 94 15.35 3.68 -1.04
CA LEU A 94 15.57 2.72 -2.11
C LEU A 94 16.86 1.92 -1.91
N GLU A 95 16.84 0.67 -2.37
CA GLU A 95 17.99 -0.22 -2.25
C GLU A 95 18.00 -1.08 -3.50
N VAL A 96 19.19 -1.22 -4.11
CA VAL A 96 19.33 -1.95 -5.34
C VAL A 96 20.21 -3.16 -5.08
N PHE A 97 19.78 -4.30 -5.65
CA PHE A 97 20.47 -5.57 -5.57
C PHE A 97 20.86 -6.03 -6.96
N ALA A 98 22.09 -6.54 -7.12
CA ALA A 98 22.53 -6.99 -8.42
C ALA A 98 23.67 -7.99 -8.23
N ARG A 99 23.82 -8.91 -9.18
CA ARG A 99 25.03 -9.74 -9.16
C ARG A 99 26.22 -8.89 -9.59
N GLY A 100 27.36 -9.13 -8.92
CA GLY A 100 28.59 -8.44 -9.26
C GLY A 100 29.48 -9.27 -10.18
N THR A 101 30.62 -8.69 -10.57
CA THR A 101 31.57 -9.35 -11.45
C THR A 101 32.20 -10.55 -10.77
N ASP A 102 32.20 -10.58 -9.43
CA ASP A 102 32.68 -11.72 -8.65
C ASP A 102 31.56 -12.75 -8.44
N ASN A 103 30.42 -12.59 -9.15
CA ASN A 103 29.26 -13.46 -9.04
C ASN A 103 28.59 -13.43 -7.65
N ALA A 104 28.98 -12.52 -6.77
CA ALA A 104 28.34 -12.42 -5.49
C ALA A 104 27.13 -11.47 -5.63
N LEU A 105 26.26 -11.52 -4.63
CA LEU A 105 25.20 -10.52 -4.50
C LEU A 105 25.79 -9.25 -3.87
N TRP A 106 25.53 -8.13 -4.55
CA TRP A 106 25.90 -6.81 -4.06
C TRP A 106 24.63 -5.96 -3.93
N HIS A 107 24.72 -4.93 -3.10
CA HIS A 107 23.65 -3.95 -2.93
C HIS A 107 24.22 -2.57 -2.64
N ILE A 108 23.37 -1.56 -2.86
CA ILE A 108 23.66 -0.15 -2.61
C ILE A 108 22.34 0.46 -2.14
N TRP A 109 22.38 1.39 -1.18
CA TRP A 109 21.14 1.92 -0.64
C TRP A 109 21.21 3.43 -0.47
N GLN A 110 20.05 4.06 -0.48
CA GLN A 110 19.90 5.45 -0.07
C GLN A 110 20.17 5.54 1.44
N THR A 111 20.95 6.55 1.84
CA THR A 111 21.28 6.80 3.23
C THR A 111 20.15 7.57 3.91
N ALA A 112 19.35 8.27 3.09
CA ALA A 112 18.10 8.87 3.54
C ALA A 112 17.08 8.78 2.42
N THR A 113 15.80 8.81 2.79
CA THR A 113 14.72 8.70 1.84
C THR A 113 14.88 9.65 0.65
N ASN A 114 15.01 9.11 -0.56
CA ASN A 114 15.12 9.88 -1.80
C ASN A 114 16.33 10.82 -1.81
N ALA A 115 17.40 10.49 -1.06
CA ALA A 115 18.54 11.39 -0.92
C ALA A 115 19.81 10.75 -1.51
N GLY A 116 20.96 10.92 -0.88
CA GLY A 116 22.22 10.36 -1.35
C GLY A 116 22.29 8.86 -1.16
N TRP A 117 23.27 8.24 -1.83
CA TRP A 117 23.43 6.81 -1.90
C TRP A 117 24.70 6.38 -1.15
N SER A 118 24.70 5.16 -0.63
CA SER A 118 25.85 4.52 -0.02
C SER A 118 26.88 4.11 -1.08
N ASN A 119 28.00 3.54 -0.61
CA ASN A 119 28.86 2.77 -1.48
C ASN A 119 28.25 1.38 -1.69
N TRP A 120 28.63 0.71 -2.78
CA TRP A 120 28.31 -0.69 -3.03
C TRP A 120 28.93 -1.57 -1.95
N GLN A 121 28.21 -2.60 -1.49
CA GLN A 121 28.69 -3.53 -0.48
C GLN A 121 28.30 -4.94 -0.90
N SER A 122 29.18 -5.90 -0.57
CA SER A 122 28.92 -7.29 -0.93
C SER A 122 28.12 -7.98 0.17
N LEU A 123 27.22 -8.87 -0.26
CA LEU A 123 26.50 -9.77 0.62
C LEU A 123 27.01 -11.20 0.40
N GLY A 124 28.07 -11.32 -0.42
CA GLY A 124 28.74 -12.58 -0.72
C GLY A 124 27.86 -13.55 -1.52
N GLY A 125 28.10 -14.84 -1.28
CA GLY A 125 27.46 -15.92 -2.02
C GLY A 125 27.99 -15.95 -3.43
N THR A 126 27.57 -16.96 -4.18
CA THR A 126 27.73 -17.02 -5.61
C THR A 126 26.35 -17.35 -6.19
N ILE A 127 25.87 -16.51 -7.12
CA ILE A 127 24.50 -16.66 -7.59
C ILE A 127 24.51 -16.75 -9.10
N THR A 128 23.48 -17.41 -9.65
CA THR A 128 23.40 -17.80 -11.04
C THR A 128 22.09 -17.36 -11.69
N SER A 129 21.38 -16.42 -11.04
CA SER A 129 20.17 -15.84 -11.59
C SER A 129 20.13 -14.36 -11.23
N ASN A 130 19.16 -13.66 -11.82
CA ASN A 130 18.80 -12.36 -11.31
C ASN A 130 18.31 -12.49 -9.87
N PRO A 131 18.46 -11.47 -9.02
CA PRO A 131 17.83 -11.53 -7.70
C PRO A 131 16.34 -11.26 -7.86
N ALA A 132 15.56 -11.79 -6.91
CA ALA A 132 14.20 -11.33 -6.68
C ALA A 132 14.07 -10.82 -5.27
N VAL A 133 13.30 -9.75 -5.06
CA VAL A 133 13.38 -9.03 -3.80
C VAL A 133 11.98 -8.70 -3.30
N TYR A 134 11.71 -8.93 -2.00
CA TYR A 134 10.45 -8.53 -1.41
C TYR A 134 10.67 -8.24 0.06
N VAL A 135 9.77 -7.50 0.69
CA VAL A 135 9.93 -7.18 2.11
C VAL A 135 9.02 -8.11 2.90
N ASN A 136 9.50 -8.59 4.05
CA ASN A 136 8.68 -9.32 4.99
C ASN A 136 7.73 -8.37 5.76
N THR A 137 6.75 -8.98 6.46
CA THR A 137 5.80 -8.22 7.27
C THR A 137 6.50 -7.47 8.41
N ASP A 138 7.73 -7.89 8.75
CA ASP A 138 8.48 -7.25 9.82
C ASP A 138 9.47 -6.20 9.29
N GLY A 139 9.40 -5.86 7.99
CA GLY A 139 10.21 -4.79 7.46
C GLY A 139 11.59 -5.25 7.00
N ARG A 140 11.87 -6.56 7.12
CA ARG A 140 13.15 -7.09 6.69
C ARG A 140 13.07 -7.52 5.24
N ILE A 141 13.90 -6.89 4.38
CA ILE A 141 14.02 -7.31 3.00
C ILE A 141 14.61 -8.73 2.90
N ASP A 142 14.00 -9.52 2.03
CA ASP A 142 14.43 -10.87 1.68
C ASP A 142 14.82 -10.85 0.20
N VAL A 143 15.99 -11.44 -0.10
CA VAL A 143 16.50 -11.51 -1.45
C VAL A 143 16.74 -12.98 -1.79
N PHE A 144 16.32 -13.34 -2.99
CA PHE A 144 16.23 -14.70 -3.49
C PHE A 144 17.03 -14.80 -4.77
N ALA A 145 17.86 -15.83 -4.86
CA ALA A 145 18.61 -16.00 -6.09
C ALA A 145 19.04 -17.46 -6.20
N ARG A 146 19.07 -17.93 -7.45
CA ARG A 146 19.59 -19.25 -7.72
C ARG A 146 21.08 -19.33 -7.34
N GLY A 147 21.50 -20.49 -6.81
CA GLY A 147 22.88 -20.73 -6.41
C GLY A 147 23.67 -21.60 -7.40
N THR A 148 24.94 -21.90 -7.06
CA THR A 148 25.78 -22.71 -7.93
C THR A 148 25.25 -24.14 -8.07
N ASP A 149 24.49 -24.63 -7.08
CA ASP A 149 23.85 -25.95 -7.19
C ASP A 149 22.49 -25.84 -7.89
N ASN A 150 22.12 -24.65 -8.38
CA ASN A 150 20.84 -24.43 -9.06
C ASN A 150 19.64 -24.56 -8.13
N ALA A 151 19.89 -24.64 -6.80
CA ALA A 151 18.84 -24.43 -5.82
C ALA A 151 18.52 -22.94 -5.71
N LEU A 152 17.36 -22.64 -5.12
CA LEU A 152 17.04 -21.28 -4.71
C LEU A 152 17.62 -21.02 -3.33
N TRP A 153 18.38 -19.94 -3.20
CA TRP A 153 18.90 -19.47 -1.93
C TRP A 153 18.31 -18.11 -1.60
N HIS A 154 18.40 -17.75 -0.32
CA HIS A 154 17.98 -16.44 0.16
C HIS A 154 18.85 -15.92 1.31
N ILE A 155 18.85 -14.58 1.40
CA ILE A 155 19.50 -13.86 2.47
C ILE A 155 18.60 -12.69 2.81
N SER A 156 18.61 -12.27 4.08
CA SER A 156 17.69 -11.20 4.50
C SER A 156 18.36 -10.22 5.45
N GLN A 157 17.76 -9.04 5.59
CA GLN A 157 18.08 -8.08 6.64
C GLN A 157 17.75 -8.79 7.96
N THR A 158 18.54 -8.55 9.01
CA THR A 158 18.20 -9.15 10.29
C THR A 158 17.33 -8.22 11.13
N ALA A 159 17.20 -6.97 10.73
CA ALA A 159 16.29 -6.06 11.40
C ALA A 159 15.55 -5.25 10.34
N ALA A 160 14.48 -4.57 10.74
CA ALA A 160 13.66 -3.82 9.81
C ALA A 160 14.54 -2.80 9.08
N HIS A 161 14.51 -2.86 7.75
CA HIS A 161 15.23 -1.92 6.88
C HIS A 161 16.65 -1.66 7.34
N SER A 162 17.35 -2.72 7.74
CA SER A 162 18.64 -2.50 8.38
C SER A 162 19.47 -3.77 8.36
N GLY A 163 20.78 -3.55 8.21
CA GLY A 163 21.77 -4.60 8.42
C GLY A 163 21.96 -4.87 9.91
N PRO A 164 22.85 -5.82 10.31
CA PRO A 164 23.54 -6.68 9.35
C PRO A 164 22.57 -7.65 8.67
N TRP A 165 23.07 -8.34 7.64
CA TRP A 165 22.30 -9.34 6.95
C TRP A 165 22.59 -10.72 7.52
N SER A 166 21.68 -11.65 7.25
CA SER A 166 21.69 -13.02 7.73
C SER A 166 22.77 -13.78 6.98
N SER A 167 23.02 -15.01 7.43
CA SER A 167 23.69 -15.98 6.58
C SER A 167 22.77 -16.36 5.43
N TRP A 168 23.39 -16.86 4.37
CA TRP A 168 22.70 -17.46 3.25
C TRP A 168 22.06 -18.77 3.70
N GLN A 169 20.87 -19.07 3.16
CA GLN A 169 20.23 -20.36 3.36
C GLN A 169 19.61 -20.84 2.06
N SER A 170 19.66 -22.16 1.87
CA SER A 170 19.10 -22.82 0.71
C SER A 170 17.64 -23.10 0.97
N LEU A 171 16.83 -22.89 -0.06
CA LEU A 171 15.43 -23.27 0.01
C LEU A 171 15.25 -24.44 -0.93
N ASN A 172 16.37 -25.04 -1.32
CA ASN A 172 16.38 -26.29 -2.04
C ASN A 172 15.77 -26.08 -3.43
N GLY A 173 15.27 -27.17 -4.00
CA GLY A 173 14.79 -27.22 -5.38
C GLY A 173 15.91 -27.16 -6.39
N VAL A 174 15.54 -27.40 -7.66
CA VAL A 174 16.39 -27.22 -8.82
C VAL A 174 15.61 -26.41 -9.85
N ILE A 175 16.11 -25.21 -10.18
CA ILE A 175 15.32 -24.27 -10.96
C ILE A 175 16.10 -23.81 -12.17
N THR A 176 15.37 -23.44 -13.23
CA THR A 176 15.91 -23.19 -14.55
C THR A 176 15.44 -21.84 -15.11
N SER A 177 14.84 -20.98 -14.27
CA SER A 177 14.53 -19.61 -14.65
C SER A 177 14.94 -18.67 -13.51
N ASN A 178 14.83 -17.36 -13.77
CA ASN A 178 14.91 -16.40 -12.67
C ASN A 178 13.71 -16.60 -11.75
N PRO A 179 13.88 -16.41 -10.42
CA PRO A 179 12.75 -16.46 -9.51
C PRO A 179 11.94 -15.16 -9.55
N ALA A 180 10.67 -15.30 -9.19
CA ALA A 180 9.77 -14.18 -8.95
C ALA A 180 9.11 -14.33 -7.58
N VAL A 181 8.99 -13.21 -6.83
CA VAL A 181 8.48 -13.25 -5.45
C VAL A 181 7.36 -12.24 -5.28
N HIS A 182 6.39 -12.59 -4.43
CA HIS A 182 5.34 -11.71 -4.00
C HIS A 182 4.92 -12.11 -2.61
N ILE A 183 4.20 -11.22 -1.94
CA ILE A 183 3.67 -11.59 -0.65
C ILE A 183 2.19 -12.00 -0.77
N ASN A 184 1.80 -12.99 0.04
CA ASN A 184 0.40 -13.37 0.16
C ASN A 184 -0.34 -12.34 1.00
N SER A 185 -1.68 -12.42 0.95
CA SER A 185 -2.53 -11.49 1.68
C SER A 185 -2.58 -11.84 3.18
N ASP A 186 -1.89 -12.89 3.59
CA ASP A 186 -1.71 -13.22 4.99
C ASP A 186 -0.25 -13.02 5.44
N GLY A 187 0.56 -12.41 4.58
CA GLY A 187 1.88 -11.94 4.95
C GLY A 187 3.00 -12.96 4.68
N ARG A 188 2.67 -14.10 4.08
CA ARG A 188 3.68 -15.11 3.76
C ARG A 188 4.24 -14.85 2.36
N LEU A 189 5.58 -14.81 2.25
CA LEU A 189 6.23 -14.70 0.95
C LEU A 189 6.04 -16.01 0.18
N GLU A 190 6.01 -15.88 -1.14
CA GLU A 190 5.84 -16.99 -2.04
C GLU A 190 6.68 -16.73 -3.29
N VAL A 191 7.47 -17.74 -3.66
CA VAL A 191 8.39 -17.66 -4.76
C VAL A 191 8.00 -18.69 -5.82
N PHE A 192 8.20 -18.26 -7.06
CA PHE A 192 7.90 -18.97 -8.28
C PHE A 192 9.14 -19.04 -9.16
N ALA A 193 9.34 -20.19 -9.77
CA ALA A 193 10.46 -20.40 -10.68
C ALA A 193 10.15 -21.63 -11.54
N ARG A 194 10.71 -21.66 -12.75
CA ARG A 194 10.59 -22.84 -13.61
C ARG A 194 11.50 -23.96 -13.13
N GLY A 195 11.02 -25.18 -13.25
CA GLY A 195 11.75 -26.35 -12.78
C GLY A 195 12.43 -27.07 -13.96
N THR A 196 13.09 -28.19 -13.62
CA THR A 196 13.89 -28.93 -14.59
C THR A 196 12.99 -29.62 -15.58
N ASP A 197 11.68 -29.70 -15.30
CA ASP A 197 10.71 -30.26 -16.23
C ASP A 197 10.01 -29.17 -17.02
N ASN A 198 10.45 -27.91 -16.87
CA ASN A 198 9.88 -26.75 -17.54
C ASN A 198 8.50 -26.36 -17.00
N ALA A 199 8.10 -26.94 -15.86
CA ALA A 199 6.84 -26.61 -15.23
C ALA A 199 7.09 -25.37 -14.34
N LEU A 200 6.01 -24.62 -14.05
CA LEU A 200 6.02 -23.62 -12.97
C LEU A 200 5.94 -24.32 -11.62
N TRP A 201 6.94 -24.12 -10.76
CA TRP A 201 6.90 -24.54 -9.38
C TRP A 201 6.86 -23.35 -8.42
N HIS A 202 6.54 -23.61 -7.15
CA HIS A 202 6.47 -22.57 -6.14
C HIS A 202 6.72 -23.13 -4.76
N ILE A 203 7.16 -22.26 -3.87
CA ILE A 203 7.44 -22.51 -2.46
C ILE A 203 6.91 -21.29 -1.69
N TRP A 204 6.55 -21.46 -0.42
CA TRP A 204 6.02 -20.37 0.37
C TRP A 204 6.49 -20.49 1.81
N GLN A 205 6.53 -19.35 2.50
CA GLN A 205 6.76 -19.29 3.93
C GLN A 205 5.61 -19.99 4.61
N THR A 206 5.92 -20.70 5.68
CA THR A 206 4.92 -21.41 6.46
C THR A 206 4.22 -20.40 7.37
N ALA A 207 4.91 -19.30 7.68
CA ALA A 207 4.34 -18.25 8.48
C ALA A 207 5.02 -16.95 8.09
N PRO A 208 4.41 -15.78 8.37
CA PRO A 208 5.02 -14.51 8.00
C PRO A 208 6.39 -14.39 8.65
N ASP A 209 7.39 -13.88 7.93
CA ASP A 209 8.71 -13.58 8.49
C ASP A 209 9.55 -14.84 8.70
N SER A 210 8.98 -16.01 8.48
CA SER A 210 9.65 -17.24 8.87
C SER A 210 10.81 -17.54 7.89
N ASN A 211 11.86 -18.17 8.44
CA ASN A 211 12.86 -18.86 7.65
C ASN A 211 12.45 -20.30 7.36
N GLN A 212 11.28 -20.75 7.86
CA GLN A 212 10.74 -22.06 7.54
C GLN A 212 9.81 -21.97 6.34
N TRP A 213 10.18 -22.65 5.25
CA TRP A 213 9.40 -22.65 4.02
C TRP A 213 8.84 -24.03 3.72
N SER A 214 7.82 -24.04 2.85
CA SER A 214 7.14 -25.23 2.37
C SER A 214 8.07 -26.03 1.46
N GLY A 215 7.55 -27.14 0.98
CA GLY A 215 8.20 -27.85 -0.11
C GLY A 215 7.82 -27.19 -1.43
N TRP A 216 8.65 -27.42 -2.44
CA TRP A 216 8.33 -27.06 -3.81
C TRP A 216 7.11 -27.85 -4.30
N ASP A 217 6.09 -27.11 -4.76
CA ASP A 217 4.88 -27.64 -5.31
C ASP A 217 4.90 -27.33 -6.80
N SER A 218 4.47 -28.29 -7.64
CA SER A 218 4.37 -28.06 -9.06
C SER A 218 2.99 -27.52 -9.40
N LEU A 219 2.95 -26.46 -10.22
CA LEU A 219 1.71 -26.01 -10.79
C LEU A 219 1.64 -26.44 -12.23
N GLY A 220 2.61 -27.26 -12.64
CA GLY A 220 2.59 -27.85 -13.97
C GLY A 220 2.74 -26.80 -15.08
N GLY A 221 2.17 -27.13 -16.24
CA GLY A 221 2.37 -26.39 -17.47
C GLY A 221 3.79 -26.57 -18.02
N VAL A 222 3.99 -25.93 -19.17
CA VAL A 222 5.31 -25.74 -19.75
C VAL A 222 5.46 -24.24 -20.07
N ILE A 223 6.48 -23.62 -19.48
CA ILE A 223 6.66 -22.19 -19.58
C ILE A 223 7.99 -21.90 -20.26
N THR A 224 8.01 -20.84 -21.07
CA THR A 224 9.13 -20.47 -21.92
C THR A 224 9.58 -19.04 -21.64
N SER A 225 9.12 -18.46 -20.51
CA SER A 225 9.57 -17.20 -19.96
C SER A 225 9.71 -17.36 -18.46
N ASP A 226 10.43 -16.42 -17.86
CA ASP A 226 10.33 -16.19 -16.42
C ASP A 226 8.87 -15.99 -16.06
N PRO A 227 8.41 -16.48 -14.91
CA PRO A 227 7.06 -16.16 -14.41
C PRO A 227 7.05 -14.72 -13.87
N VAL A 228 5.89 -14.05 -13.92
CA VAL A 228 5.67 -12.81 -13.20
C VAL A 228 4.49 -13.05 -12.26
N VAL A 229 4.58 -12.53 -11.03
CA VAL A 229 3.49 -12.73 -10.10
C VAL A 229 2.92 -11.39 -9.61
N ILE A 230 1.61 -11.34 -9.37
CA ILE A 230 1.00 -10.16 -8.80
C ILE A 230 -0.08 -10.54 -7.79
N GLY A 231 -0.37 -9.63 -6.84
CA GLY A 231 -1.50 -9.82 -5.95
C GLY A 231 -2.75 -9.12 -6.49
N THR A 232 -3.88 -9.85 -6.54
CA THR A 232 -5.13 -9.35 -7.10
C THR A 232 -5.75 -8.37 -6.11
N ALA A 233 -6.76 -7.61 -6.55
CA ALA A 233 -7.46 -6.67 -5.68
C ALA A 233 -8.13 -7.37 -4.51
N ASP A 234 -8.39 -8.67 -4.64
CA ASP A 234 -9.04 -9.44 -3.58
C ASP A 234 -8.07 -10.43 -2.94
N GLY A 235 -6.78 -10.12 -2.95
CA GLY A 235 -5.80 -10.79 -2.09
C GLY A 235 -5.39 -12.19 -2.55
N ARG A 236 -5.42 -12.44 -3.86
CA ARG A 236 -5.05 -13.76 -4.38
C ARG A 236 -3.80 -13.58 -5.25
N LEU A 237 -2.84 -14.51 -5.20
CA LEU A 237 -1.75 -14.45 -6.17
C LEU A 237 -2.20 -14.93 -7.54
N GLU A 238 -1.73 -14.24 -8.58
CA GLU A 238 -1.98 -14.61 -9.98
C GLU A 238 -0.64 -14.51 -10.74
N VAL A 239 -0.32 -15.57 -11.50
CA VAL A 239 0.96 -15.71 -12.17
C VAL A 239 0.74 -15.79 -13.68
N PHE A 240 1.61 -15.08 -14.41
CA PHE A 240 1.61 -15.05 -15.86
C PHE A 240 2.95 -15.59 -16.38
N ALA A 241 2.91 -16.30 -17.51
CA ALA A 241 4.12 -16.74 -18.18
C ALA A 241 3.81 -17.05 -19.63
N ARG A 242 4.84 -16.97 -20.47
CA ARG A 242 4.70 -17.49 -21.84
C ARG A 242 4.72 -19.02 -21.79
N GLY A 243 3.86 -19.65 -22.62
CA GLY A 243 3.80 -21.09 -22.75
C GLY A 243 4.54 -21.64 -23.98
N SER A 244 4.35 -22.93 -24.28
CA SER A 244 5.19 -23.60 -25.28
C SER A 244 4.85 -23.18 -26.70
N ASN A 245 3.65 -22.65 -26.93
CA ASN A 245 3.24 -22.16 -28.24
C ASN A 245 3.36 -20.64 -28.33
N ASN A 246 4.09 -20.03 -27.39
CA ASN A 246 4.29 -18.58 -27.34
C ASN A 246 3.01 -17.82 -27.03
N ALA A 247 2.01 -18.51 -26.48
CA ALA A 247 0.83 -17.82 -25.98
C ALA A 247 1.12 -17.38 -24.55
N LEU A 248 0.31 -16.42 -24.12
CA LEU A 248 0.28 -15.98 -22.73
C LEU A 248 -0.65 -16.91 -21.94
N TYR A 249 -0.15 -17.43 -20.81
CA TYR A 249 -0.99 -18.18 -19.89
C TYR A 249 -1.02 -17.50 -18.53
N HIS A 250 -2.03 -17.84 -17.72
CA HIS A 250 -2.07 -17.45 -16.32
C HIS A 250 -2.78 -18.50 -15.45
N ILE A 251 -2.48 -18.44 -14.16
CA ILE A 251 -3.01 -19.35 -13.18
C ILE A 251 -3.12 -18.56 -11.88
N TRP A 252 -4.08 -18.88 -10.98
CA TRP A 252 -4.31 -18.07 -9.80
C TRP A 252 -4.73 -18.92 -8.60
N GLN A 253 -4.42 -18.44 -7.38
CA GLN A 253 -5.10 -18.92 -6.19
C GLN A 253 -6.62 -18.69 -6.34
N THR A 254 -7.41 -19.72 -6.00
CA THR A 254 -8.88 -19.63 -6.04
C THR A 254 -9.44 -19.01 -4.76
N VAL A 255 -8.67 -19.04 -3.66
CA VAL A 255 -9.04 -18.41 -2.40
C VAL A 255 -7.88 -17.51 -1.94
N PRO A 256 -8.14 -16.40 -1.21
CA PRO A 256 -7.06 -15.55 -0.72
C PRO A 256 -6.03 -16.36 0.07
N HIS A 257 -4.76 -16.13 -0.25
CA HIS A 257 -3.61 -16.75 0.38
C HIS A 257 -3.71 -18.25 0.62
N GLY A 258 -4.30 -19.00 -0.32
CA GLY A 258 -4.42 -20.43 -0.13
C GLY A 258 -4.69 -21.15 -1.44
N GLY A 259 -4.68 -22.49 -1.34
CA GLY A 259 -5.07 -23.34 -2.44
C GLY A 259 -6.56 -23.69 -2.40
N PRO A 260 -7.06 -24.47 -3.39
CA PRO A 260 -6.25 -24.85 -4.55
C PRO A 260 -6.08 -23.72 -5.57
N TRP A 261 -5.09 -23.89 -6.43
CA TRP A 261 -4.92 -23.03 -7.58
C TRP A 261 -5.93 -23.43 -8.66
N SER A 262 -6.22 -22.48 -9.54
CA SER A 262 -6.99 -22.76 -10.75
C SER A 262 -6.18 -23.69 -11.65
N ASN A 263 -6.80 -24.09 -12.77
CA ASN A 263 -6.03 -24.60 -13.87
C ASN A 263 -5.42 -23.42 -14.64
N TRP A 264 -4.34 -23.70 -15.36
CA TRP A 264 -3.79 -22.78 -16.34
C TRP A 264 -4.89 -22.40 -17.32
N ALA A 265 -4.88 -21.15 -17.74
CA ALA A 265 -5.83 -20.66 -18.73
C ALA A 265 -5.03 -19.87 -19.77
N SER A 266 -5.27 -20.13 -21.06
CA SER A 266 -4.62 -19.36 -22.10
C SER A 266 -5.22 -17.96 -22.21
N LEU A 267 -4.39 -16.94 -22.42
CA LEU A 267 -4.88 -15.64 -22.86
C LEU A 267 -4.57 -15.43 -24.35
N ASN A 268 -4.18 -16.50 -25.06
CA ASN A 268 -3.90 -16.45 -26.50
C ASN A 268 -2.73 -15.50 -26.79
N GLY A 269 -2.78 -14.86 -27.98
CA GLY A 269 -1.68 -14.06 -28.47
C GLY A 269 -0.47 -14.92 -28.86
N VAL A 270 0.47 -14.28 -29.53
CA VAL A 270 1.78 -14.82 -29.79
C VAL A 270 2.76 -13.75 -29.34
N ILE A 271 3.55 -14.05 -28.31
CA ILE A 271 4.38 -13.01 -27.71
C ILE A 271 5.83 -13.41 -27.84
N THR A 272 6.69 -12.39 -28.02
CA THR A 272 8.10 -12.60 -28.32
C THR A 272 9.00 -12.04 -27.23
N SER A 273 8.45 -11.83 -26.02
CA SER A 273 9.19 -11.39 -24.83
C SER A 273 8.53 -12.01 -23.61
N ALA A 274 9.17 -11.84 -22.45
CA ALA A 274 8.47 -12.03 -21.18
C ALA A 274 7.27 -11.07 -21.09
N PRO A 275 6.18 -11.47 -20.42
CA PRO A 275 5.07 -10.59 -20.09
C PRO A 275 5.36 -9.80 -18.82
N ALA A 276 4.72 -8.63 -18.72
CA ALA A 276 4.75 -7.85 -17.50
C ALA A 276 3.30 -7.57 -17.10
N VAL A 277 3.01 -7.73 -15.81
CA VAL A 277 1.66 -7.53 -15.34
C VAL A 277 1.65 -6.34 -14.38
N VAL A 278 0.50 -5.64 -14.30
CA VAL A 278 0.37 -4.53 -13.39
C VAL A 278 -1.11 -4.43 -13.04
N LYS A 279 -1.39 -3.77 -11.92
CA LYS A 279 -2.76 -3.57 -11.51
C LYS A 279 -3.12 -2.11 -11.81
N ASN A 280 -4.23 -1.89 -12.53
CA ASN A 280 -4.76 -0.55 -12.70
C ASN A 280 -5.21 0.00 -11.34
N SER A 281 -5.53 1.29 -11.33
CA SER A 281 -6.02 2.00 -10.16
C SER A 281 -7.38 1.48 -9.67
N ASP A 282 -8.13 0.79 -10.53
CA ASP A 282 -9.41 0.21 -10.14
C ASP A 282 -9.32 -1.30 -9.94
N GLY A 283 -8.10 -1.83 -9.91
CA GLY A 283 -7.86 -3.21 -9.56
C GLY A 283 -7.77 -4.12 -10.78
N ARG A 284 -8.14 -3.65 -11.97
CA ARG A 284 -8.07 -4.50 -13.17
C ARG A 284 -6.62 -4.81 -13.54
N LEU A 285 -6.34 -6.11 -13.75
CA LEU A 285 -5.05 -6.55 -14.24
C LEU A 285 -4.91 -6.21 -15.72
N GLU A 286 -3.67 -5.89 -16.10
CA GLU A 286 -3.29 -5.51 -17.45
C GLU A 286 -1.91 -6.10 -17.71
N VAL A 287 -1.78 -6.84 -18.84
CA VAL A 287 -0.52 -7.50 -19.17
C VAL A 287 0.03 -6.89 -20.45
N PHE A 288 1.34 -6.71 -20.45
CA PHE A 288 2.09 -6.12 -21.54
C PHE A 288 3.11 -7.14 -22.03
N ALA A 289 3.29 -7.21 -23.36
CA ALA A 289 4.31 -8.05 -23.95
C ALA A 289 4.61 -7.57 -25.37
N ARG A 290 5.80 -7.94 -25.85
CA ARG A 290 6.16 -7.74 -27.25
C ARG A 290 5.48 -8.79 -28.15
N GLY A 291 4.97 -8.32 -29.30
CA GLY A 291 4.34 -9.19 -30.30
C GLY A 291 5.29 -9.57 -31.43
N THR A 292 4.72 -10.24 -32.44
CA THR A 292 5.52 -10.85 -33.50
C THR A 292 6.13 -9.78 -34.40
N ASN A 293 5.50 -8.60 -34.50
CA ASN A 293 6.07 -7.49 -35.28
C ASN A 293 6.95 -6.60 -34.40
N ASN A 294 7.27 -7.06 -33.19
CA ASN A 294 8.08 -6.33 -32.22
C ASN A 294 7.41 -5.04 -31.71
N ALA A 295 6.11 -4.90 -31.88
CA ALA A 295 5.43 -3.81 -31.21
C ALA A 295 5.09 -4.23 -29.77
N LEU A 296 4.68 -3.24 -28.96
CA LEU A 296 4.06 -3.46 -27.67
C LEU A 296 2.59 -3.82 -27.83
N TYR A 297 2.20 -4.94 -27.20
CA TYR A 297 0.81 -5.33 -27.09
C TYR A 297 0.40 -5.43 -25.62
N HIS A 298 -0.91 -5.27 -25.38
CA HIS A 298 -1.49 -5.42 -24.05
C HIS A 298 -2.89 -6.04 -24.12
N ILE A 299 -3.32 -6.54 -22.97
CA ILE A 299 -4.63 -7.15 -22.76
C ILE A 299 -4.99 -6.89 -21.29
N TRP A 300 -6.28 -6.66 -21.01
CA TRP A 300 -6.73 -6.23 -19.68
C TRP A 300 -8.02 -6.93 -19.30
N GLN A 301 -8.23 -7.03 -17.99
CA GLN A 301 -9.53 -7.36 -17.45
C GLN A 301 -10.51 -6.24 -17.76
N THR A 302 -11.72 -6.65 -18.19
CA THR A 302 -12.79 -5.71 -18.47
C THR A 302 -13.82 -5.71 -17.33
N VAL A 303 -14.53 -4.59 -17.21
CA VAL A 303 -15.66 -4.45 -16.31
C VAL A 303 -15.14 -4.16 -14.90
N SER A 304 -14.52 -5.17 -14.26
CA SER A 304 -14.00 -5.01 -12.92
C SER A 304 -12.79 -5.92 -12.76
N HIS A 305 -12.07 -5.82 -11.63
CA HIS A 305 -11.03 -6.79 -11.32
C HIS A 305 -11.64 -8.18 -11.30
N SER A 306 -10.81 -9.16 -11.60
CA SER A 306 -11.17 -10.56 -11.75
C SER A 306 -12.25 -10.79 -12.83
N GLY A 307 -12.62 -9.75 -13.62
CA GLY A 307 -13.59 -9.86 -14.70
C GLY A 307 -13.01 -10.50 -15.96
N PRO A 308 -13.80 -10.60 -17.07
CA PRO A 308 -13.31 -11.22 -18.31
C PRO A 308 -12.32 -10.33 -19.07
N TRP A 309 -11.38 -10.99 -19.73
CA TRP A 309 -10.30 -10.31 -20.40
C TRP A 309 -10.71 -9.79 -21.78
N SER A 310 -10.05 -8.71 -22.18
CA SER A 310 -10.18 -8.13 -23.52
C SER A 310 -9.55 -8.97 -24.61
N ASN A 311 -9.69 -8.46 -25.85
CA ASN A 311 -8.83 -8.86 -26.94
C ASN A 311 -7.49 -8.14 -26.76
N TRP A 312 -6.45 -8.71 -27.36
CA TRP A 312 -5.16 -8.04 -27.48
C TRP A 312 -5.30 -6.78 -28.30
N ALA A 313 -4.54 -5.75 -27.93
CA ALA A 313 -4.54 -4.49 -28.67
C ALA A 313 -3.10 -4.01 -28.75
N THR A 314 -2.74 -3.32 -29.85
CA THR A 314 -1.37 -2.89 -30.00
C THR A 314 -1.22 -1.52 -29.37
N LEU A 315 0.00 -1.22 -28.91
CA LEU A 315 0.40 0.13 -28.52
C LEU A 315 1.53 0.61 -29.43
N ASN A 316 1.78 -0.13 -30.52
CA ASN A 316 2.73 0.29 -31.55
C ASN A 316 4.15 0.29 -30.98
N GLY A 317 5.02 1.12 -31.58
CA GLY A 317 6.45 1.13 -31.28
C GLY A 317 7.17 -0.12 -31.79
N THR A 318 8.49 -0.14 -31.62
CA THR A 318 9.33 -1.27 -31.96
C THR A 318 10.32 -1.44 -30.82
N ILE A 319 10.18 -2.54 -30.08
CA ILE A 319 10.89 -2.62 -28.83
C ILE A 319 11.85 -3.80 -28.87
N THR A 320 12.93 -3.67 -28.10
CA THR A 320 14.04 -4.61 -28.09
C THR A 320 14.28 -5.16 -26.69
N SER A 321 13.24 -5.11 -25.85
CA SER A 321 13.21 -5.77 -24.54
C SER A 321 11.78 -6.14 -24.21
N ALA A 322 11.61 -6.87 -23.10
CA ALA A 322 10.29 -6.98 -22.51
C ALA A 322 9.92 -5.61 -21.94
N PRO A 323 8.62 -5.29 -21.92
CA PRO A 323 8.17 -4.05 -21.30
C PRO A 323 8.18 -4.23 -19.79
N THR A 324 8.19 -3.10 -19.10
CA THR A 324 8.03 -2.99 -17.66
C THR A 324 6.91 -1.98 -17.40
N ALA A 325 5.92 -2.33 -16.57
CA ALA A 325 4.77 -1.48 -16.30
C ALA A 325 4.65 -1.15 -14.81
N VAL A 326 4.20 0.08 -14.51
CA VAL A 326 3.99 0.51 -13.14
C VAL A 326 2.89 1.56 -13.12
N GLU A 327 2.19 1.67 -12.00
CA GLU A 327 1.18 2.71 -11.84
C GLU A 327 1.84 3.99 -11.37
N ASP A 328 1.53 5.13 -11.99
CA ASP A 328 2.05 6.39 -11.48
C ASP A 328 1.13 6.98 -10.42
N ALA A 329 1.56 8.13 -9.91
CA ALA A 329 0.86 8.78 -8.81
C ALA A 329 -0.48 9.35 -9.24
N ASP A 330 -0.74 9.53 -10.54
CA ASP A 330 -2.06 9.93 -11.00
C ASP A 330 -2.94 8.71 -11.29
N GLY A 331 -2.51 7.49 -10.92
CA GLY A 331 -3.29 6.30 -11.16
C GLY A 331 -3.29 5.79 -12.60
N ARG A 332 -2.35 6.25 -13.42
CA ARG A 332 -2.21 5.83 -14.80
C ARG A 332 -1.04 4.86 -14.93
N LEU A 333 -1.23 3.82 -15.74
CA LEU A 333 -0.12 2.95 -16.08
C LEU A 333 0.91 3.67 -16.95
N GLU A 334 2.17 3.32 -16.64
CA GLU A 334 3.33 3.74 -17.39
C GLU A 334 4.12 2.51 -17.78
N VAL A 335 4.52 2.45 -19.05
CA VAL A 335 5.28 1.35 -19.58
C VAL A 335 6.62 1.85 -20.13
N PHE A 336 7.66 1.06 -19.85
CA PHE A 336 9.03 1.31 -20.25
C PHE A 336 9.55 0.12 -21.04
N ALA A 337 10.28 0.37 -22.13
CA ALA A 337 10.88 -0.70 -22.92
C ALA A 337 12.05 -0.15 -23.72
N ARG A 338 13.06 -0.99 -23.95
CA ARG A 338 14.19 -0.55 -24.76
C ARG A 338 13.76 -0.41 -26.22
N GLY A 339 14.32 0.57 -26.91
CA GLY A 339 13.94 0.78 -28.30
C GLY A 339 15.02 0.31 -29.25
N THR A 340 14.83 0.58 -30.55
CA THR A 340 15.74 0.08 -31.55
C THR A 340 17.07 0.82 -31.46
N ASP A 341 17.09 2.04 -30.88
CA ASP A 341 18.31 2.80 -30.70
C ASP A 341 18.97 2.50 -29.35
N ASN A 342 18.47 1.48 -28.63
CA ASN A 342 18.94 1.07 -27.30
C ASN A 342 18.67 2.08 -26.19
N ALA A 343 17.86 3.10 -26.45
CA ALA A 343 17.44 4.02 -25.42
C ALA A 343 16.25 3.40 -24.68
N LEU A 344 15.89 3.95 -23.52
CA LEU A 344 14.67 3.55 -22.85
C LEU A 344 13.54 4.47 -23.33
N TRP A 345 12.42 3.88 -23.73
CA TRP A 345 11.26 4.65 -24.15
C TRP A 345 10.10 4.41 -23.19
N ASN A 346 9.15 5.35 -23.22
CA ASN A 346 8.05 5.44 -22.28
C ASN A 346 6.74 5.73 -23.04
N ILE A 347 5.65 5.13 -22.58
CA ILE A 347 4.31 5.43 -23.02
C ILE A 347 3.37 5.28 -21.83
N TRP A 348 2.30 6.07 -21.75
CA TRP A 348 1.45 6.04 -20.58
C TRP A 348 0.00 6.18 -20.99
N GLN A 349 -0.86 5.75 -20.07
CA GLN A 349 -2.27 5.45 -20.26
C GLN A 349 -3.11 6.73 -20.29
N ALA A 350 -3.01 7.47 -21.39
CA ALA A 350 -3.80 8.67 -21.58
C ALA A 350 -5.20 8.31 -22.06
N THR A 351 -6.15 9.21 -21.76
CA THR A 351 -7.58 8.92 -21.81
C THR A 351 -7.90 8.07 -23.05
N PRO A 352 -8.01 8.65 -24.27
CA PRO A 352 -8.55 7.90 -25.40
C PRO A 352 -7.73 6.63 -25.66
N SER A 353 -6.44 6.77 -26.03
CA SER A 353 -5.74 5.63 -26.63
C SER A 353 -4.25 5.55 -26.28
N TRP A 354 -3.86 6.14 -25.14
CA TRP A 354 -2.48 6.16 -24.64
C TRP A 354 -1.68 7.30 -25.25
N SER A 355 -0.57 7.66 -24.57
CA SER A 355 0.27 8.77 -25.00
C SER A 355 1.04 8.40 -26.27
N ALA A 356 1.78 9.37 -26.80
CA ALA A 356 2.84 9.11 -27.76
C ALA A 356 4.03 8.50 -27.00
N TRP A 357 4.76 7.60 -27.64
CA TRP A 357 6.06 7.18 -27.16
C TRP A 357 7.03 8.35 -27.06
N VAL A 358 7.77 8.45 -25.95
CA VAL A 358 8.79 9.46 -25.78
C VAL A 358 10.06 8.73 -25.34
N SER A 359 11.21 9.19 -25.83
CA SER A 359 12.48 8.58 -25.47
C SER A 359 13.00 9.22 -24.18
N LEU A 360 13.52 8.39 -23.25
CA LEU A 360 14.21 8.87 -22.06
C LEU A 360 15.71 8.82 -22.31
N LYS A 361 16.11 8.50 -23.54
CA LYS A 361 17.52 8.49 -23.93
C LYS A 361 18.22 7.37 -23.15
N GLY A 362 19.53 7.49 -22.95
CA GLY A 362 20.32 6.40 -22.38
C GLY A 362 20.72 5.33 -23.40
N SER A 363 21.51 4.38 -22.92
CA SER A 363 21.90 3.22 -23.71
C SER A 363 21.99 2.02 -22.76
N LEU A 364 21.00 1.11 -22.89
CA LEU A 364 20.78 0.01 -21.94
C LEU A 364 21.21 -1.31 -22.56
N ILE A 365 21.74 -2.19 -21.70
CA ILE A 365 22.03 -3.55 -22.09
C ILE A 365 21.13 -4.51 -21.31
N ASP A 366 20.97 -5.72 -21.85
CA ASP A 366 20.28 -6.80 -21.16
C ASP A 366 21.34 -7.61 -20.41
N ALA A 367 21.48 -7.34 -19.11
CA ALA A 367 22.50 -8.02 -18.31
C ALA A 367 21.93 -9.24 -17.60
N SER A 368 20.73 -9.69 -17.97
CA SER A 368 20.04 -10.75 -17.24
C SER A 368 20.95 -11.97 -17.06
N ALA A 369 21.02 -12.53 -15.84
CA ALA A 369 21.95 -13.61 -15.55
C ALA A 369 21.47 -14.92 -16.20
N ILE A 370 20.18 -15.03 -16.52
CA ILE A 370 19.64 -16.16 -17.25
C ILE A 370 18.91 -15.59 -18.46
N LYS A 371 19.32 -16.03 -19.67
CA LYS A 371 18.66 -15.66 -20.92
C LYS A 371 18.27 -16.89 -21.76
N ILE B 29 -16.08 19.62 20.68
CA ILE B 29 -15.65 18.84 19.48
C ILE B 29 -16.87 18.60 18.58
N ALA B 30 -16.70 18.82 17.28
CA ALA B 30 -17.74 18.49 16.32
C ALA B 30 -18.06 16.99 16.37
N LEU B 31 -19.26 16.64 15.90
CA LEU B 31 -19.78 15.28 16.00
C LEU B 31 -18.80 14.32 15.33
N SER B 32 -18.50 13.22 16.03
CA SER B 32 -17.48 12.24 15.66
C SER B 32 -17.97 11.26 14.55
N GLU B 33 -16.98 10.65 13.91
CA GLU B 33 -17.17 9.38 13.22
C GLU B 33 -17.69 8.36 14.25
N ILE B 34 -18.56 7.47 13.77
CA ILE B 34 -19.24 6.50 14.61
C ILE B 34 -18.77 5.07 14.33
N VAL B 35 -18.09 4.85 13.19
CA VAL B 35 -17.47 3.56 12.88
C VAL B 35 -15.99 3.75 12.52
N SER B 36 -15.24 2.68 12.66
CA SER B 36 -13.91 2.58 12.07
C SER B 36 -14.01 1.59 10.89
N VAL B 37 -13.32 1.87 9.77
CA VAL B 37 -13.47 1.07 8.58
C VAL B 37 -12.09 0.73 8.02
N VAL B 38 -11.96 -0.46 7.42
CA VAL B 38 -10.75 -0.87 6.71
C VAL B 38 -11.16 -1.64 5.46
N ASN B 39 -10.33 -1.56 4.41
CA ASN B 39 -10.40 -2.51 3.29
C ASN B 39 -9.47 -3.65 3.71
N THR B 40 -10.00 -4.86 3.88
CA THR B 40 -9.23 -6.01 4.39
C THR B 40 -8.28 -6.54 3.32
N SER B 41 -7.38 -7.46 3.73
CA SER B 41 -6.40 -8.00 2.80
C SER B 41 -7.03 -8.84 1.67
N ASP B 42 -8.33 -9.17 1.75
CA ASP B 42 -8.98 -9.85 0.65
C ASP B 42 -9.95 -8.92 -0.08
N GLY B 43 -9.76 -7.60 0.09
CA GLY B 43 -10.43 -6.58 -0.71
C GLY B 43 -11.89 -6.35 -0.34
N ARG B 44 -12.27 -6.72 0.87
CA ARG B 44 -13.62 -6.48 1.38
C ARG B 44 -13.55 -5.37 2.43
N ILE B 45 -14.47 -4.40 2.35
CA ILE B 45 -14.65 -3.42 3.40
C ILE B 45 -15.28 -4.09 4.63
N GLU B 46 -14.69 -3.78 5.78
CA GLU B 46 -15.17 -4.24 7.07
C GLU B 46 -15.33 -3.02 7.98
N VAL B 47 -16.52 -2.90 8.61
CA VAL B 47 -16.89 -1.75 9.44
C VAL B 47 -17.15 -2.23 10.87
N PHE B 48 -16.68 -1.40 11.82
CA PHE B 48 -16.78 -1.66 13.24
C PHE B 48 -17.43 -0.47 13.93
N GLY B 49 -18.39 -0.75 14.81
CA GLY B 49 -19.08 0.29 15.55
C GLY B 49 -19.54 -0.24 16.91
N VAL B 50 -20.21 0.62 17.68
CA VAL B 50 -20.69 0.29 19.02
C VAL B 50 -22.20 0.20 18.98
N GLY B 51 -22.73 -0.93 19.43
CA GLY B 51 -24.18 -1.09 19.47
C GLY B 51 -24.82 -0.43 20.69
N THR B 52 -26.15 -0.51 20.77
CA THR B 52 -26.90 0.07 21.86
C THR B 52 -26.61 -0.72 23.12
N ASP B 53 -25.95 -1.87 22.97
CA ASP B 53 -25.54 -2.67 24.11
C ASP B 53 -24.13 -2.33 24.56
N ASN B 54 -23.50 -1.34 23.92
CA ASN B 54 -22.11 -0.99 24.18
C ASN B 54 -21.12 -2.11 23.80
N ALA B 55 -21.52 -3.09 23.00
CA ALA B 55 -20.60 -4.06 22.44
C ALA B 55 -20.06 -3.54 21.12
N VAL B 56 -18.95 -4.11 20.66
CA VAL B 56 -18.44 -3.82 19.32
C VAL B 56 -19.03 -4.86 18.35
N TRP B 57 -19.59 -4.32 17.25
CA TRP B 57 -20.18 -5.09 16.17
C TRP B 57 -19.42 -4.79 14.89
N HIS B 58 -19.41 -5.77 13.97
CA HIS B 58 -18.77 -5.61 12.67
C HIS B 58 -19.63 -6.18 11.56
N ASN B 59 -19.46 -5.58 10.38
CA ASN B 59 -20.19 -5.94 9.19
C ASN B 59 -19.19 -5.92 8.03
N ARG B 60 -19.31 -6.87 7.11
CA ARG B 60 -18.30 -7.08 6.08
C ARG B 60 -19.00 -7.29 4.74
N GLN B 61 -18.40 -6.75 3.67
CA GLN B 61 -18.87 -7.05 2.32
C GLN B 61 -18.68 -8.54 2.06
N THR B 62 -19.68 -9.17 1.45
CA THR B 62 -19.57 -10.57 1.07
C THR B 62 -18.65 -10.74 -0.15
N ALA B 63 -18.58 -9.72 -1.02
CA ALA B 63 -17.78 -9.76 -2.23
C ALA B 63 -16.87 -8.52 -2.28
N PRO B 64 -15.67 -8.60 -2.91
CA PRO B 64 -14.76 -7.46 -3.01
C PRO B 64 -15.03 -6.53 -4.18
N HIS B 65 -16.23 -5.95 -4.17
CA HIS B 65 -16.68 -5.03 -5.19
C HIS B 65 -17.70 -4.04 -4.60
N SER B 66 -17.71 -2.83 -5.16
CA SER B 66 -18.72 -1.83 -4.86
C SER B 66 -20.12 -2.43 -5.03
N GLY B 67 -21.01 -2.13 -4.08
CA GLY B 67 -22.41 -2.51 -4.15
C GLY B 67 -22.65 -3.95 -3.72
N SER B 68 -21.62 -4.60 -3.16
CA SER B 68 -21.76 -5.94 -2.64
C SER B 68 -22.82 -5.95 -1.54
N SER B 69 -23.47 -7.11 -1.38
CA SER B 69 -24.24 -7.39 -0.19
C SER B 69 -23.30 -7.51 1.02
N TRP B 70 -23.89 -7.52 2.22
CA TRP B 70 -23.14 -7.47 3.46
C TRP B 70 -23.46 -8.71 4.29
N THR B 71 -22.51 -9.15 5.11
CA THR B 71 -22.73 -10.28 5.98
C THR B 71 -23.91 -9.99 6.91
N GLY B 72 -24.04 -8.73 7.33
CA GLY B 72 -24.88 -8.39 8.46
C GLY B 72 -24.03 -8.30 9.72
N TRP B 73 -24.62 -7.70 10.76
CA TRP B 73 -23.87 -7.35 11.96
C TRP B 73 -23.59 -8.59 12.80
N ILE B 74 -22.32 -8.74 13.19
CA ILE B 74 -21.85 -9.80 14.07
C ILE B 74 -21.21 -9.12 15.28
N SER B 75 -21.50 -9.62 16.48
CA SER B 75 -20.97 -8.99 17.69
C SER B 75 -19.60 -9.57 17.99
N LEU B 76 -18.68 -8.71 18.43
CA LEU B 76 -17.42 -9.11 19.03
C LEU B 76 -17.53 -9.02 20.54
N ASN B 77 -18.75 -8.79 21.02
CA ASN B 77 -18.97 -8.69 22.46
C ASN B 77 -18.17 -7.52 23.04
N GLY B 78 -17.74 -7.66 24.31
CA GLY B 78 -17.16 -6.55 25.03
C GLY B 78 -18.17 -5.48 25.42
N LYS B 79 -17.69 -4.57 26.26
CA LYS B 79 -18.40 -3.37 26.68
C LYS B 79 -17.40 -2.23 26.62
N VAL B 80 -17.64 -1.28 25.71
CA VAL B 80 -16.64 -0.26 25.46
C VAL B 80 -17.25 1.11 25.77
N THR B 81 -16.36 2.07 26.03
CA THR B 81 -16.67 3.45 26.35
C THR B 81 -15.87 4.44 25.49
N SER B 82 -15.40 3.99 24.31
CA SER B 82 -14.83 4.90 23.32
C SER B 82 -15.26 4.45 21.92
N LYS B 83 -14.93 5.24 20.92
CA LYS B 83 -14.99 4.76 19.55
C LYS B 83 -14.00 3.60 19.44
N PRO B 84 -14.38 2.48 18.79
CA PRO B 84 -13.47 1.40 18.50
C PRO B 84 -12.65 1.80 17.28
N VAL B 85 -11.36 1.43 17.29
CA VAL B 85 -10.53 1.68 16.12
C VAL B 85 -9.95 0.37 15.63
N VAL B 86 -10.18 0.04 14.36
CA VAL B 86 -9.67 -1.19 13.77
C VAL B 86 -8.39 -0.82 13.05
N TYR B 87 -7.44 -1.75 13.06
CA TYR B 87 -6.24 -1.58 12.27
C TYR B 87 -5.85 -2.93 11.68
N ILE B 88 -5.19 -2.88 10.52
CA ILE B 88 -4.76 -4.14 9.93
C ILE B 88 -3.29 -4.39 10.23
N ASN B 89 -2.98 -5.49 10.92
CA ASN B 89 -1.60 -5.90 11.11
C ASN B 89 -0.97 -6.16 9.73
N THR B 90 0.37 -6.14 9.70
CA THR B 90 1.09 -6.36 8.46
C THR B 90 0.93 -7.78 7.92
N ASP B 91 0.39 -8.73 8.71
CA ASP B 91 0.07 -10.08 8.26
C ASP B 91 -1.41 -10.19 7.89
N GLY B 92 -2.10 -9.06 7.81
CA GLY B 92 -3.48 -9.03 7.38
C GLY B 92 -4.49 -9.28 8.49
N ARG B 93 -4.06 -9.60 9.72
CA ARG B 93 -4.99 -9.84 10.82
C ARG B 93 -5.56 -8.52 11.34
N LEU B 94 -6.90 -8.39 11.36
CA LEU B 94 -7.54 -7.24 11.95
C LEU B 94 -7.39 -7.25 13.47
N GLU B 95 -7.29 -6.04 14.03
CA GLU B 95 -7.15 -5.82 15.47
C GLU B 95 -7.93 -4.57 15.83
N VAL B 96 -8.75 -4.69 16.89
CA VAL B 96 -9.63 -3.61 17.33
C VAL B 96 -9.21 -3.13 18.71
N PHE B 97 -9.12 -1.80 18.84
CA PHE B 97 -8.76 -1.15 20.09
C PHE B 97 -9.92 -0.30 20.57
N ALA B 98 -10.18 -0.35 21.89
CA ALA B 98 -11.22 0.49 22.47
C ALA B 98 -11.05 0.61 23.97
N ARG B 99 -11.51 1.74 24.53
CA ARG B 99 -11.58 1.84 25.97
C ARG B 99 -12.69 0.94 26.53
N GLY B 100 -12.42 0.32 27.70
CA GLY B 100 -13.40 -0.50 28.40
C GLY B 100 -14.08 0.27 29.56
N THR B 101 -14.91 -0.46 30.29
CA THR B 101 -15.69 0.14 31.38
C THR B 101 -14.77 0.44 32.57
N ASP B 102 -13.63 -0.26 32.66
CA ASP B 102 -12.63 0.07 33.68
C ASP B 102 -11.72 1.21 33.21
N ASN B 103 -12.02 1.78 32.03
CA ASN B 103 -11.24 2.84 31.40
C ASN B 103 -9.85 2.40 30.91
N ALA B 104 -9.54 1.11 30.92
CA ALA B 104 -8.28 0.66 30.36
C ALA B 104 -8.46 0.53 28.85
N LEU B 105 -7.33 0.45 28.15
CA LEU B 105 -7.32 0.07 26.74
C LEU B 105 -7.46 -1.44 26.61
N TRP B 106 -8.47 -1.84 25.84
CA TRP B 106 -8.69 -3.23 25.55
C TRP B 106 -8.48 -3.43 24.06
N HIS B 107 -8.22 -4.68 23.71
CA HIS B 107 -8.10 -5.06 22.31
C HIS B 107 -8.56 -6.50 22.11
N ILE B 108 -8.80 -6.82 20.83
CA ILE B 108 -9.29 -8.08 20.36
C ILE B 108 -8.78 -8.20 18.93
N TRP B 109 -8.39 -9.41 18.53
CA TRP B 109 -7.65 -9.56 17.29
C TRP B 109 -8.05 -10.88 16.64
N GLN B 110 -7.99 -10.89 15.30
CA GLN B 110 -8.16 -12.11 14.54
C GLN B 110 -6.97 -13.03 14.79
N THR B 111 -7.25 -14.33 14.97
CA THR B 111 -6.21 -15.30 15.29
C THR B 111 -5.58 -15.81 13.99
N ALA B 112 -6.26 -15.56 12.87
CA ALA B 112 -5.74 -15.76 11.53
C ALA B 112 -6.44 -14.79 10.59
N THR B 113 -5.78 -14.49 9.48
CA THR B 113 -6.14 -13.40 8.61
C THR B 113 -7.58 -13.58 8.14
N ASN B 114 -8.45 -12.61 8.40
CA ASN B 114 -9.83 -12.69 7.92
C ASN B 114 -10.59 -13.90 8.46
N ALA B 115 -10.14 -14.46 9.59
CA ALA B 115 -10.73 -15.67 10.16
C ALA B 115 -11.35 -15.32 11.51
N GLY B 116 -11.17 -16.20 12.52
CA GLY B 116 -11.83 -16.08 13.81
C GLY B 116 -11.11 -15.09 14.73
N TRP B 117 -11.78 -14.75 15.84
CA TRP B 117 -11.30 -13.72 16.76
C TRP B 117 -10.90 -14.34 18.09
N SER B 118 -9.97 -13.67 18.75
CA SER B 118 -9.56 -13.96 20.12
C SER B 118 -10.64 -13.49 21.09
N ASN B 119 -10.37 -13.71 22.38
CA ASN B 119 -11.07 -13.00 23.43
C ASN B 119 -10.49 -11.59 23.58
N TRP B 120 -11.32 -10.71 24.14
CA TRP B 120 -10.92 -9.40 24.60
C TRP B 120 -9.83 -9.51 25.66
N GLN B 121 -8.84 -8.60 25.59
CA GLN B 121 -7.75 -8.58 26.55
C GLN B 121 -7.36 -7.14 26.86
N SER B 122 -7.05 -6.89 28.14
CA SER B 122 -6.71 -5.57 28.59
C SER B 122 -5.24 -5.28 28.33
N LEU B 123 -4.96 -4.01 28.01
CA LEU B 123 -3.61 -3.53 27.86
C LEU B 123 -3.36 -2.52 28.97
N GLY B 124 -4.20 -2.57 30.01
CA GLY B 124 -4.04 -1.69 31.15
C GLY B 124 -4.21 -0.23 30.75
N GLY B 125 -3.74 0.68 31.61
CA GLY B 125 -3.78 2.12 31.41
C GLY B 125 -5.10 2.70 31.90
N THR B 126 -5.19 4.02 31.88
CA THR B 126 -6.44 4.73 32.09
C THR B 126 -6.46 5.90 31.13
N ILE B 127 -7.38 5.84 30.17
CA ILE B 127 -7.33 6.75 29.03
C ILE B 127 -8.63 7.56 28.99
N THR B 128 -8.57 8.72 28.34
CA THR B 128 -9.59 9.74 28.39
C THR B 128 -9.86 10.31 27.00
N SER B 129 -9.51 9.50 25.98
CA SER B 129 -9.79 9.80 24.58
C SER B 129 -10.03 8.48 23.84
N ASN B 130 -10.50 8.63 22.60
CA ASN B 130 -10.47 7.54 21.65
C ASN B 130 -9.02 7.17 21.36
N PRO B 131 -8.71 5.88 21.06
CA PRO B 131 -7.38 5.52 20.61
C PRO B 131 -7.19 6.00 19.17
N ALA B 132 -5.93 6.19 18.81
CA ALA B 132 -5.51 6.38 17.43
C ALA B 132 -4.40 5.38 17.19
N VAL B 133 -4.38 4.79 15.99
CA VAL B 133 -3.59 3.59 15.79
C VAL B 133 -2.87 3.66 14.46
N TYR B 134 -1.59 3.27 14.44
CA TYR B 134 -0.85 3.18 13.21
C TYR B 134 0.23 2.13 13.40
N VAL B 135 0.77 1.68 12.28
CA VAL B 135 1.83 0.71 12.32
C VAL B 135 3.16 1.39 12.00
N ASN B 136 4.20 0.89 12.70
CA ASN B 136 5.56 1.31 12.50
C ASN B 136 6.13 0.56 11.28
N THR B 137 7.27 1.04 10.77
CA THR B 137 7.96 0.44 9.63
C THR B 137 8.43 -0.98 9.92
N ASP B 138 8.55 -1.37 11.21
CA ASP B 138 8.96 -2.71 11.58
C ASP B 138 7.77 -3.62 11.92
N GLY B 139 6.56 -3.18 11.56
CA GLY B 139 5.37 -3.99 11.67
C GLY B 139 4.72 -3.90 13.06
N ARG B 140 5.21 -3.02 13.93
CA ARG B 140 4.74 -2.95 15.30
C ARG B 140 3.64 -1.89 15.37
N ILE B 141 2.43 -2.33 15.74
CA ILE B 141 1.31 -1.42 15.94
C ILE B 141 1.65 -0.54 17.13
N ASP B 142 1.40 0.76 16.94
CA ASP B 142 1.57 1.76 17.98
C ASP B 142 0.21 2.39 18.22
N VAL B 143 -0.23 2.40 19.50
CA VAL B 143 -1.52 2.94 19.88
C VAL B 143 -1.33 4.18 20.75
N PHE B 144 -2.05 5.27 20.42
CA PHE B 144 -1.98 6.55 21.09
C PHE B 144 -3.32 6.84 21.75
N ALA B 145 -3.27 7.37 22.98
CA ALA B 145 -4.46 7.80 23.68
C ALA B 145 -4.10 8.84 24.74
N ARG B 146 -5.04 9.75 25.01
CA ARG B 146 -4.88 10.69 26.11
C ARG B 146 -4.95 9.98 27.47
N GLY B 147 -4.21 10.51 28.45
CA GLY B 147 -4.11 9.88 29.76
C GLY B 147 -4.95 10.66 30.77
N THR B 148 -4.95 10.23 32.03
CA THR B 148 -5.66 10.96 33.08
C THR B 148 -5.10 12.37 33.27
N ASP B 149 -3.76 12.49 33.12
CA ASP B 149 -3.06 13.76 33.17
C ASP B 149 -3.33 14.61 31.93
N ASN B 150 -4.11 14.10 30.96
CA ASN B 150 -4.32 14.78 29.71
C ASN B 150 -3.05 14.83 28.85
N ALA B 151 -2.05 14.00 29.15
CA ALA B 151 -0.93 13.85 28.23
C ALA B 151 -1.27 12.80 27.15
N LEU B 152 -0.54 12.88 26.02
CA LEU B 152 -0.47 11.79 25.04
C LEU B 152 0.41 10.65 25.55
N TRP B 153 -0.16 9.46 25.61
CA TRP B 153 0.52 8.23 25.92
C TRP B 153 0.49 7.28 24.70
N HIS B 154 1.37 6.28 24.74
CA HIS B 154 1.44 5.30 23.68
C HIS B 154 1.95 4.01 24.28
N ILE B 155 1.52 2.92 23.64
CA ILE B 155 1.95 1.57 23.93
C ILE B 155 2.02 0.86 22.59
N SER B 156 2.93 -0.11 22.44
CA SER B 156 3.10 -0.74 21.14
C SER B 156 3.44 -2.22 21.28
N GLN B 157 3.16 -2.97 20.20
CA GLN B 157 3.67 -4.33 20.04
C GLN B 157 5.20 -4.27 20.15
N THR B 158 5.81 -5.28 20.78
CA THR B 158 7.25 -5.37 20.90
C THR B 158 7.86 -6.15 19.73
N ALA B 159 7.05 -6.91 18.99
CA ALA B 159 7.48 -7.58 17.78
C ALA B 159 6.44 -7.35 16.68
N ALA B 160 6.85 -7.58 15.43
CA ALA B 160 5.96 -7.39 14.30
C ALA B 160 4.68 -8.20 14.49
N HIS B 161 3.55 -7.50 14.42
CA HIS B 161 2.23 -8.05 14.53
C HIS B 161 2.13 -9.04 15.69
N SER B 162 2.73 -8.72 16.83
CA SER B 162 2.82 -9.72 17.88
C SER B 162 2.97 -9.08 19.25
N GLY B 163 2.31 -9.67 20.25
CA GLY B 163 2.68 -9.36 21.62
C GLY B 163 4.02 -10.02 21.96
N PRO B 164 4.51 -9.88 23.21
CA PRO B 164 3.81 -9.10 24.22
C PRO B 164 3.84 -7.62 23.88
N TRP B 165 2.95 -6.85 24.51
CA TRP B 165 2.98 -5.42 24.32
C TRP B 165 3.99 -4.80 25.28
N SER B 166 4.47 -3.62 24.89
CA SER B 166 5.36 -2.82 25.70
C SER B 166 4.61 -2.35 26.92
N SER B 167 5.28 -1.55 27.76
CA SER B 167 4.59 -0.82 28.81
C SER B 167 4.15 0.50 28.19
N TRP B 168 3.11 1.11 28.75
CA TRP B 168 2.77 2.48 28.43
C TRP B 168 3.98 3.39 28.64
N GLN B 169 3.93 4.55 27.96
CA GLN B 169 4.98 5.56 27.97
C GLN B 169 4.33 6.88 27.59
N SER B 170 4.65 7.94 28.35
CA SER B 170 4.07 9.25 28.08
C SER B 170 4.89 9.96 27.03
N LEU B 171 4.22 10.84 26.29
CA LEU B 171 4.80 11.75 25.33
C LEU B 171 4.44 13.16 25.75
N ASN B 172 4.06 13.31 27.04
CA ASN B 172 3.74 14.61 27.62
C ASN B 172 2.73 15.35 26.74
N GLY B 173 2.78 16.68 26.76
CA GLY B 173 1.78 17.56 26.18
C GLY B 173 0.49 17.61 27.01
N VAL B 174 -0.42 18.49 26.64
CA VAL B 174 -1.75 18.47 27.24
C VAL B 174 -2.73 18.74 26.12
N ILE B 175 -3.63 17.77 25.84
CA ILE B 175 -4.39 17.82 24.59
C ILE B 175 -5.89 17.83 24.87
N THR B 176 -6.65 18.48 23.99
CA THR B 176 -8.07 18.71 24.21
C THR B 176 -8.96 18.15 23.09
N SER B 177 -8.44 17.18 22.31
CA SER B 177 -9.18 16.46 21.28
C SER B 177 -8.67 15.03 21.29
N ASN B 178 -9.37 14.13 20.57
CA ASN B 178 -8.81 12.84 20.26
C ASN B 178 -7.58 13.08 19.38
N PRO B 179 -6.54 12.23 19.50
CA PRO B 179 -5.37 12.37 18.64
C PRO B 179 -5.60 11.69 17.29
N ALA B 180 -4.87 12.13 16.25
CA ALA B 180 -4.82 11.49 14.94
C ALA B 180 -3.38 11.22 14.57
N VAL B 181 -3.08 10.03 14.03
CA VAL B 181 -1.72 9.62 13.72
C VAL B 181 -1.60 9.24 12.24
N HIS B 182 -0.45 9.53 11.65
CA HIS B 182 -0.14 9.04 10.31
C HIS B 182 1.37 8.81 10.25
N ILE B 183 1.83 8.12 9.21
CA ILE B 183 3.26 7.95 8.98
C ILE B 183 3.73 8.93 7.92
N ASN B 184 4.91 9.50 8.14
CA ASN B 184 5.61 10.28 7.15
C ASN B 184 6.18 9.35 6.05
N SER B 185 6.53 9.96 4.92
CA SER B 185 7.04 9.22 3.78
C SER B 185 8.48 8.78 4.01
N ASP B 186 9.07 9.14 5.18
CA ASP B 186 10.35 8.60 5.62
C ASP B 186 10.20 7.64 6.77
N GLY B 187 8.95 7.26 7.08
CA GLY B 187 8.72 6.17 8.01
C GLY B 187 8.51 6.62 9.46
N ARG B 188 8.53 7.92 9.70
CA ARG B 188 8.38 8.45 11.05
C ARG B 188 6.91 8.74 11.33
N LEU B 189 6.37 8.08 12.38
CA LEU B 189 5.02 8.36 12.86
C LEU B 189 4.95 9.80 13.37
N GLU B 190 3.81 10.43 13.12
CA GLU B 190 3.54 11.79 13.54
C GLU B 190 2.09 11.89 14.04
N VAL B 191 1.91 12.47 15.24
CA VAL B 191 0.63 12.50 15.91
C VAL B 191 0.20 13.96 16.02
N PHE B 192 -1.11 14.19 15.86
CA PHE B 192 -1.73 15.49 15.80
C PHE B 192 -2.88 15.56 16.82
N ALA B 193 -3.06 16.73 17.44
CA ALA B 193 -4.14 16.92 18.40
C ALA B 193 -4.44 18.41 18.60
N ARG B 194 -5.60 18.71 19.18
CA ARG B 194 -5.88 20.09 19.61
C ARG B 194 -5.26 20.27 20.99
N GLY B 195 -4.66 21.45 21.21
CA GLY B 195 -4.07 21.77 22.49
C GLY B 195 -5.01 22.65 23.31
N THR B 196 -4.54 23.05 24.50
CA THR B 196 -5.30 23.88 25.44
C THR B 196 -5.65 25.24 24.84
N ASP B 197 -4.89 25.70 23.85
CA ASP B 197 -5.14 26.97 23.16
C ASP B 197 -6.05 26.78 21.95
N ASN B 198 -6.51 25.54 21.76
CA ASN B 198 -7.36 25.19 20.63
C ASN B 198 -6.61 25.27 19.30
N ALA B 199 -5.28 25.29 19.35
CA ALA B 199 -4.49 25.23 18.13
C ALA B 199 -4.26 23.76 17.81
N LEU B 200 -3.85 23.51 16.56
CA LEU B 200 -3.30 22.23 16.13
C LEU B 200 -1.86 22.08 16.59
N TRP B 201 -1.59 21.04 17.37
CA TRP B 201 -0.26 20.66 17.80
C TRP B 201 0.15 19.31 17.19
N HIS B 202 1.47 19.08 17.14
CA HIS B 202 2.02 17.80 16.72
C HIS B 202 3.36 17.44 17.36
N ILE B 203 3.70 16.17 17.21
CA ILE B 203 4.88 15.53 17.76
C ILE B 203 5.21 14.35 16.84
N TRP B 204 6.49 13.97 16.74
CA TRP B 204 6.92 13.02 15.72
C TRP B 204 8.08 12.19 16.21
N GLN B 205 8.18 10.97 15.67
CA GLN B 205 9.32 10.13 15.96
C GLN B 205 10.53 10.85 15.38
N THR B 206 11.68 10.66 16.03
CA THR B 206 12.94 11.25 15.59
C THR B 206 13.54 10.37 14.49
N ALA B 207 13.14 9.11 14.48
CA ALA B 207 13.60 8.12 13.53
C ALA B 207 12.56 7.02 13.49
N PRO B 208 12.39 6.32 12.34
CA PRO B 208 11.42 5.21 12.27
C PRO B 208 11.56 4.21 13.41
N ASP B 209 10.41 3.79 13.94
CA ASP B 209 10.30 2.70 14.92
C ASP B 209 10.72 3.16 16.31
N SER B 210 11.12 4.41 16.46
CA SER B 210 11.84 4.89 17.65
C SER B 210 10.87 5.30 18.77
N ASN B 211 11.22 4.89 20.00
CA ASN B 211 10.55 5.35 21.21
C ASN B 211 11.03 6.73 21.61
N GLN B 212 12.04 7.26 20.88
CA GLN B 212 12.49 8.63 21.04
C GLN B 212 11.68 9.54 20.12
N TRP B 213 10.85 10.39 20.74
CA TRP B 213 9.98 11.31 20.04
C TRP B 213 10.51 12.71 20.20
N SER B 214 10.04 13.60 19.32
CA SER B 214 10.40 15.00 19.30
C SER B 214 9.74 15.72 20.47
N GLY B 215 9.97 17.04 20.53
CA GLY B 215 9.16 17.90 21.39
C GLY B 215 7.89 18.27 20.66
N TRP B 216 6.86 18.68 21.42
CA TRP B 216 5.61 19.17 20.86
C TRP B 216 5.88 20.45 20.09
N ASP B 217 5.11 20.70 19.03
CA ASP B 217 5.18 21.90 18.22
C ASP B 217 3.78 22.29 17.80
N SER B 218 3.58 23.58 17.53
CA SER B 218 2.27 24.12 17.23
C SER B 218 2.20 24.61 15.79
N LEU B 219 1.02 24.46 15.19
CA LEU B 219 0.76 24.88 13.82
C LEU B 219 -0.29 25.96 13.82
N GLY B 220 -0.59 26.48 15.02
CA GLY B 220 -1.52 27.59 15.15
C GLY B 220 -2.96 27.18 14.84
N GLY B 221 -3.72 28.19 14.42
CA GLY B 221 -5.15 28.11 14.13
C GLY B 221 -6.01 27.92 15.38
N VAL B 222 -7.32 27.91 15.15
CA VAL B 222 -8.27 27.49 16.16
C VAL B 222 -9.23 26.49 15.53
N ILE B 223 -9.30 25.28 16.10
CA ILE B 223 -10.05 24.18 15.51
C ILE B 223 -11.14 23.71 16.47
N THR B 224 -12.28 23.36 15.88
CA THR B 224 -13.47 22.93 16.61
C THR B 224 -13.88 21.49 16.26
N SER B 225 -12.95 20.72 15.67
CA SER B 225 -13.09 19.29 15.47
C SER B 225 -11.77 18.62 15.81
N ASP B 226 -11.84 17.32 16.10
CA ASP B 226 -10.66 16.48 15.96
C ASP B 226 -10.01 16.83 14.62
N PRO B 227 -8.67 16.78 14.52
CA PRO B 227 -7.99 16.90 13.23
C PRO B 227 -8.01 15.55 12.49
N VAL B 228 -7.97 15.57 11.14
CA VAL B 228 -7.78 14.32 10.41
C VAL B 228 -6.59 14.49 9.46
N VAL B 229 -5.72 13.48 9.42
CA VAL B 229 -4.46 13.63 8.69
C VAL B 229 -4.37 12.54 7.63
N ILE B 230 -3.81 12.90 6.46
CA ILE B 230 -3.58 11.98 5.36
C ILE B 230 -2.21 12.24 4.74
N GLY B 231 -1.65 11.20 4.09
CA GLY B 231 -0.45 11.33 3.27
C GLY B 231 -0.83 11.60 1.82
N THR B 232 -0.27 12.65 1.22
CA THR B 232 -0.59 12.98 -0.15
C THR B 232 0.10 11.97 -1.07
N ALA B 233 -0.29 12.00 -2.35
CA ALA B 233 0.31 11.17 -3.40
C ALA B 233 1.80 11.49 -3.58
N ASP B 234 2.22 12.69 -3.20
CA ASP B 234 3.63 13.07 -3.31
C ASP B 234 4.34 13.08 -1.94
N GLY B 235 3.79 12.37 -0.94
CA GLY B 235 4.51 12.03 0.29
C GLY B 235 4.54 13.12 1.37
N ARG B 236 3.54 14.02 1.36
CA ARG B 236 3.46 15.11 2.34
C ARG B 236 2.23 14.91 3.23
N LEU B 237 2.36 15.19 4.52
CA LEU B 237 1.21 15.17 5.41
C LEU B 237 0.35 16.39 5.18
N GLU B 238 -0.96 16.14 5.15
CA GLU B 238 -1.97 17.18 5.03
C GLU B 238 -3.02 16.92 6.11
N VAL B 239 -3.38 18.00 6.83
CA VAL B 239 -4.23 17.92 8.00
C VAL B 239 -5.46 18.79 7.74
N PHE B 240 -6.65 18.24 8.03
CA PHE B 240 -7.94 18.92 7.89
C PHE B 240 -8.61 19.02 9.26
N ALA B 241 -9.35 20.10 9.48
CA ALA B 241 -10.06 20.27 10.72
C ALA B 241 -11.08 21.38 10.50
N ARG B 242 -12.20 21.28 11.23
CA ARG B 242 -13.18 22.36 11.22
C ARG B 242 -12.61 23.56 11.95
N GLY B 243 -12.86 24.76 11.43
CA GLY B 243 -12.41 26.00 12.06
C GLY B 243 -13.44 26.64 13.00
N SER B 244 -13.07 27.77 13.61
CA SER B 244 -13.92 28.44 14.59
C SER B 244 -15.22 28.98 13.98
N ASN B 245 -15.25 29.20 12.66
CA ASN B 245 -16.46 29.58 11.95
C ASN B 245 -17.15 28.37 11.29
N ASN B 246 -16.70 27.15 11.63
CA ASN B 246 -17.33 25.93 11.12
C ASN B 246 -17.08 25.75 9.62
N ALA B 247 -16.11 26.48 9.03
CA ALA B 247 -15.62 26.10 7.71
C ALA B 247 -14.57 24.99 7.88
N LEU B 248 -14.24 24.36 6.76
CA LEU B 248 -13.19 23.35 6.69
C LEU B 248 -11.87 24.05 6.39
N TYR B 249 -10.84 23.75 7.19
CA TYR B 249 -9.50 24.25 6.93
C TYR B 249 -8.51 23.11 6.68
N HIS B 250 -7.43 23.41 5.96
CA HIS B 250 -6.32 22.47 5.83
C HIS B 250 -4.97 23.17 5.81
N ILE B 251 -3.94 22.37 6.06
CA ILE B 251 -2.56 22.79 6.22
C ILE B 251 -1.67 21.58 5.91
N TRP B 252 -0.49 21.83 5.34
CA TRP B 252 0.33 20.74 4.81
C TRP B 252 1.83 21.01 4.95
N GLN B 253 2.60 19.92 5.12
CA GLN B 253 4.03 19.91 4.85
C GLN B 253 4.25 20.43 3.43
N THR B 254 5.25 21.33 3.29
CA THR B 254 5.57 21.95 2.02
C THR B 254 6.58 21.11 1.25
N VAL B 255 7.37 20.31 1.98
CA VAL B 255 8.26 19.34 1.36
C VAL B 255 7.88 17.96 1.91
N PRO B 256 8.20 16.85 1.21
CA PRO B 256 7.91 15.53 1.75
C PRO B 256 8.62 15.32 3.08
N HIS B 257 7.87 14.71 4.02
CA HIS B 257 8.32 14.30 5.37
C HIS B 257 9.11 15.38 6.13
N GLY B 258 8.80 16.66 5.91
CA GLY B 258 9.52 17.72 6.59
C GLY B 258 8.78 19.05 6.59
N GLY B 259 9.37 20.03 7.30
CA GLY B 259 8.85 21.38 7.29
C GLY B 259 9.55 22.24 6.25
N PRO B 260 9.19 23.54 6.10
CA PRO B 260 8.11 24.14 6.88
C PRO B 260 6.75 23.60 6.45
N TRP B 261 5.75 23.79 7.33
CA TRP B 261 4.37 23.58 6.96
C TRP B 261 3.84 24.83 6.27
N SER B 262 2.73 24.70 5.57
CA SER B 262 2.10 25.83 4.89
C SER B 262 1.36 26.70 5.90
N ASN B 263 0.78 27.79 5.37
CA ASN B 263 -0.22 28.55 6.10
C ASN B 263 -1.56 27.82 6.01
N TRP B 264 -2.37 28.01 7.05
CA TRP B 264 -3.75 27.57 7.04
C TRP B 264 -4.42 28.09 5.80
N ALA B 265 -5.21 27.24 5.14
CA ALA B 265 -6.08 27.65 4.07
C ALA B 265 -7.50 27.16 4.37
N SER B 266 -8.46 27.92 3.85
CA SER B 266 -9.87 27.64 4.05
C SER B 266 -10.43 26.95 2.81
N LEU B 267 -11.17 25.87 3.02
CA LEU B 267 -11.95 25.30 1.93
C LEU B 267 -13.42 25.66 2.11
N ASN B 268 -13.68 26.63 2.98
CA ASN B 268 -15.02 27.18 3.11
C ASN B 268 -16.00 26.09 3.58
N GLY B 269 -17.27 26.32 3.20
CA GLY B 269 -18.38 25.46 3.54
C GLY B 269 -18.78 25.68 4.99
N VAL B 270 -19.86 25.01 5.40
CA VAL B 270 -20.17 24.97 6.80
C VAL B 270 -20.53 23.52 7.13
N ILE B 271 -19.81 22.98 8.12
CA ILE B 271 -19.89 21.57 8.45
C ILE B 271 -20.25 21.39 9.93
N THR B 272 -21.11 20.39 10.17
CA THR B 272 -21.72 20.11 11.45
C THR B 272 -21.22 18.80 12.03
N SER B 273 -20.07 18.34 11.50
CA SER B 273 -19.41 17.13 11.96
C SER B 273 -17.90 17.24 11.72
N ALA B 274 -17.16 16.36 12.40
CA ALA B 274 -15.77 16.14 12.04
C ALA B 274 -15.72 15.86 10.55
N PRO B 275 -14.65 16.28 9.86
CA PRO B 275 -14.44 15.92 8.48
C PRO B 275 -13.77 14.55 8.37
N ALA B 276 -13.99 13.89 7.24
CA ALA B 276 -13.29 12.65 6.89
C ALA B 276 -12.58 12.84 5.55
N VAL B 277 -11.30 12.44 5.48
CA VAL B 277 -10.54 12.61 4.25
C VAL B 277 -10.08 11.25 3.77
N VAL B 278 -10.04 11.10 2.45
CA VAL B 278 -9.57 9.90 1.81
C VAL B 278 -8.91 10.29 0.49
N LYS B 279 -8.07 9.39 -0.03
CA LYS B 279 -7.46 9.58 -1.33
C LYS B 279 -8.22 8.74 -2.35
N ASN B 280 -8.66 9.38 -3.45
CA ASN B 280 -9.17 8.64 -4.58
C ASN B 280 -8.11 7.72 -5.18
N SER B 281 -8.53 6.81 -6.07
CA SER B 281 -7.63 5.86 -6.70
C SER B 281 -6.65 6.56 -7.67
N ASP B 282 -6.89 7.83 -8.00
CA ASP B 282 -5.97 8.57 -8.86
C ASP B 282 -5.20 9.63 -8.06
N GLY B 283 -5.25 9.56 -6.74
CA GLY B 283 -4.42 10.45 -5.92
C GLY B 283 -5.14 11.69 -5.38
N ARG B 284 -6.22 12.10 -6.03
CA ARG B 284 -6.98 13.27 -5.60
C ARG B 284 -7.64 13.09 -4.24
N LEU B 285 -7.34 14.01 -3.32
CA LEU B 285 -8.02 14.04 -2.05
C LEU B 285 -9.49 14.42 -2.20
N GLU B 286 -10.30 13.87 -1.30
CA GLU B 286 -11.71 14.17 -1.20
C GLU B 286 -12.08 14.20 0.29
N VAL B 287 -12.89 15.21 0.69
CA VAL B 287 -13.28 15.36 2.08
C VAL B 287 -14.81 15.30 2.17
N PHE B 288 -15.29 14.62 3.20
CA PHE B 288 -16.70 14.41 3.45
C PHE B 288 -17.02 14.97 4.81
N ALA B 289 -18.23 15.55 4.97
CA ALA B 289 -18.66 16.03 6.27
C ALA B 289 -20.16 16.30 6.27
N ARG B 290 -20.76 16.34 7.46
CA ARG B 290 -22.20 16.64 7.53
C ARG B 290 -22.38 18.14 7.27
N GLY B 291 -23.41 18.54 6.49
CA GLY B 291 -23.74 19.95 6.28
C GLY B 291 -24.76 20.49 7.30
N THR B 292 -25.25 21.72 7.07
CA THR B 292 -26.08 22.38 8.10
C THR B 292 -27.53 21.96 7.99
N ASN B 293 -27.88 21.25 6.91
CA ASN B 293 -29.18 20.62 6.76
C ASN B 293 -29.11 19.11 7.09
N ASN B 294 -28.03 18.72 7.77
CA ASN B 294 -27.73 17.35 8.16
C ASN B 294 -27.54 16.40 6.98
N ALA B 295 -27.32 16.93 5.76
CA ALA B 295 -27.01 16.10 4.63
C ALA B 295 -25.50 15.85 4.57
N LEU B 296 -25.10 14.82 3.80
CA LEU B 296 -23.69 14.58 3.52
C LEU B 296 -23.24 15.52 2.42
N TYR B 297 -22.09 16.19 2.65
CA TYR B 297 -21.43 16.99 1.64
C TYR B 297 -20.02 16.43 1.39
N HIS B 298 -19.53 16.68 0.17
CA HIS B 298 -18.14 16.45 -0.19
C HIS B 298 -17.56 17.56 -1.10
N ILE B 299 -16.23 17.60 -1.08
CA ILE B 299 -15.40 18.49 -1.89
C ILE B 299 -14.16 17.71 -2.31
N TRP B 300 -13.69 17.91 -3.55
CA TRP B 300 -12.58 17.10 -4.04
C TRP B 300 -11.59 17.97 -4.77
N GLN B 301 -10.33 17.49 -4.85
CA GLN B 301 -9.37 18.04 -5.79
C GLN B 301 -9.82 17.74 -7.21
N THR B 302 -9.59 18.73 -8.09
CA THR B 302 -9.90 18.58 -9.50
C THR B 302 -8.59 18.47 -10.25
N VAL B 303 -8.67 17.89 -11.46
CA VAL B 303 -7.62 17.87 -12.45
C VAL B 303 -6.61 16.76 -12.12
N SER B 304 -5.97 16.85 -10.95
CA SER B 304 -5.00 15.87 -10.51
C SER B 304 -4.83 16.05 -9.01
N HIS B 305 -3.96 15.24 -8.38
CA HIS B 305 -3.68 15.40 -6.97
C HIS B 305 -2.91 16.71 -6.81
N SER B 306 -2.97 17.31 -5.64
CA SER B 306 -2.45 18.66 -5.49
C SER B 306 -3.03 19.63 -6.54
N GLY B 307 -4.19 19.31 -7.17
CA GLY B 307 -4.86 20.26 -8.05
C GLY B 307 -5.77 21.21 -7.28
N PRO B 308 -6.46 22.16 -7.96
CA PRO B 308 -7.40 23.06 -7.27
C PRO B 308 -8.70 22.38 -6.85
N TRP B 309 -9.25 22.81 -5.70
CA TRP B 309 -10.39 22.15 -5.09
C TRP B 309 -11.70 22.60 -5.72
N SER B 310 -12.69 21.69 -5.69
CA SER B 310 -14.03 21.90 -6.21
C SER B 310 -14.86 22.77 -5.26
N ASN B 311 -16.07 23.11 -5.71
CA ASN B 311 -17.14 23.58 -4.83
C ASN B 311 -17.69 22.37 -4.08
N TRP B 312 -18.17 22.64 -2.86
CA TRP B 312 -18.91 21.65 -2.09
C TRP B 312 -20.12 21.14 -2.86
N ALA B 313 -20.39 19.84 -2.74
CA ALA B 313 -21.58 19.27 -3.34
C ALA B 313 -22.21 18.31 -2.34
N THR B 314 -23.54 18.18 -2.49
CA THR B 314 -24.32 17.38 -1.57
C THR B 314 -24.40 15.97 -2.15
N LEU B 315 -24.57 15.00 -1.24
CA LEU B 315 -24.86 13.61 -1.56
C LEU B 315 -26.17 13.18 -0.90
N ASN B 316 -26.92 14.16 -0.39
CA ASN B 316 -28.25 13.94 0.16
C ASN B 316 -28.09 13.20 1.48
N GLY B 317 -29.17 12.51 1.91
CA GLY B 317 -29.19 11.86 3.20
C GLY B 317 -29.46 12.83 4.33
N THR B 318 -29.81 12.27 5.47
CA THR B 318 -29.89 12.97 6.73
C THR B 318 -29.16 12.10 7.74
N ILE B 319 -28.03 12.60 8.26
CA ILE B 319 -27.13 11.74 9.01
C ILE B 319 -26.89 12.34 10.40
N THR B 320 -26.60 11.44 11.35
CA THR B 320 -26.51 11.73 12.75
C THR B 320 -25.14 11.34 13.30
N SER B 321 -24.14 11.26 12.40
CA SER B 321 -22.74 11.17 12.80
C SER B 321 -21.91 11.88 11.76
N ALA B 322 -20.60 12.00 12.03
CA ALA B 322 -19.67 12.31 10.95
C ALA B 322 -19.63 11.11 10.01
N PRO B 323 -19.29 11.34 8.73
CA PRO B 323 -19.10 10.27 7.77
C PRO B 323 -17.72 9.66 7.99
N THR B 324 -17.60 8.42 7.53
CA THR B 324 -16.31 7.74 7.44
C THR B 324 -16.11 7.26 6.00
N ALA B 325 -14.93 7.47 5.42
CA ALA B 325 -14.70 7.20 4.01
C ALA B 325 -13.52 6.24 3.81
N VAL B 326 -13.60 5.38 2.78
CA VAL B 326 -12.54 4.43 2.46
C VAL B 326 -12.62 4.08 0.98
N GLU B 327 -11.48 3.71 0.40
CA GLU B 327 -11.43 3.25 -0.98
C GLU B 327 -11.64 1.73 -0.98
N ASP B 328 -12.58 1.26 -1.83
CA ASP B 328 -12.84 -0.17 -1.99
C ASP B 328 -11.95 -0.81 -3.05
N ALA B 329 -12.13 -2.13 -3.27
CA ALA B 329 -11.23 -2.90 -4.13
C ALA B 329 -11.44 -2.54 -5.60
N ASP B 330 -12.55 -1.88 -5.93
CA ASP B 330 -12.77 -1.41 -7.30
C ASP B 330 -12.25 0.00 -7.51
N GLY B 331 -11.60 0.57 -6.50
CA GLY B 331 -11.02 1.91 -6.61
C GLY B 331 -12.06 3.03 -6.43
N ARG B 332 -13.22 2.70 -5.87
CA ARG B 332 -14.28 3.66 -5.61
C ARG B 332 -14.34 3.99 -4.12
N LEU B 333 -14.58 5.27 -3.81
CA LEU B 333 -14.87 5.67 -2.44
C LEU B 333 -16.22 5.13 -1.94
N GLU B 334 -16.21 4.69 -0.70
CA GLU B 334 -17.40 4.31 0.02
C GLU B 334 -17.46 5.13 1.31
N VAL B 335 -18.65 5.65 1.63
CA VAL B 335 -18.89 6.44 2.80
C VAL B 335 -19.95 5.77 3.66
N PHE B 336 -19.74 5.90 4.97
CA PHE B 336 -20.60 5.35 5.99
C PHE B 336 -20.99 6.45 6.98
N ALA B 337 -22.25 6.41 7.43
CA ALA B 337 -22.77 7.39 8.36
C ALA B 337 -24.03 6.85 9.00
N ARG B 338 -24.22 7.22 10.27
CA ARG B 338 -25.41 6.84 10.99
C ARG B 338 -26.59 7.68 10.49
N GLY B 339 -27.76 7.04 10.38
CA GLY B 339 -28.97 7.70 9.87
C GLY B 339 -29.87 8.15 11.00
N THR B 340 -31.06 8.63 10.63
CA THR B 340 -32.03 9.12 11.59
C THR B 340 -32.65 7.98 12.39
N ASP B 341 -32.59 6.78 11.84
CA ASP B 341 -33.09 5.56 12.48
C ASP B 341 -31.99 4.87 13.29
N ASN B 342 -30.79 5.46 13.39
CA ASN B 342 -29.66 4.97 14.18
C ASN B 342 -29.01 3.72 13.56
N ALA B 343 -29.43 3.38 12.34
CA ALA B 343 -28.79 2.36 11.54
C ALA B 343 -27.54 2.95 10.91
N LEU B 344 -26.64 2.09 10.41
CA LEU B 344 -25.57 2.54 9.56
C LEU B 344 -26.04 2.51 8.11
N TRP B 345 -25.75 3.59 7.39
CA TRP B 345 -26.01 3.70 5.97
C TRP B 345 -24.71 3.87 5.22
N ASN B 346 -24.77 3.51 3.94
CA ASN B 346 -23.63 3.39 3.05
C ASN B 346 -24.00 4.00 1.71
N ILE B 347 -23.05 4.73 1.12
CA ILE B 347 -23.15 5.20 -0.25
C ILE B 347 -21.77 5.14 -0.88
N TRP B 348 -21.71 4.88 -2.21
CA TRP B 348 -20.44 4.72 -2.91
C TRP B 348 -20.43 5.41 -4.27
N GLN B 349 -19.21 5.63 -4.74
CA GLN B 349 -18.87 6.58 -5.80
C GLN B 349 -19.02 5.98 -7.20
N ALA B 350 -19.90 6.56 -8.02
CA ALA B 350 -20.17 6.03 -9.35
C ALA B 350 -20.19 7.17 -10.35
N THR B 351 -20.07 6.82 -11.64
CA THR B 351 -19.64 7.71 -12.71
C THR B 351 -20.38 9.04 -12.64
N PRO B 352 -21.69 9.10 -12.94
CA PRO B 352 -22.41 10.37 -13.02
C PRO B 352 -22.93 10.84 -11.66
N SER B 353 -23.58 9.93 -10.94
CA SER B 353 -24.04 10.16 -9.59
C SER B 353 -23.51 9.03 -8.72
N TRP B 354 -23.59 9.21 -7.41
CA TRP B 354 -23.22 8.14 -6.50
C TRP B 354 -24.33 7.09 -6.46
N SER B 355 -24.07 6.01 -5.70
CA SER B 355 -25.04 4.95 -5.46
C SER B 355 -26.18 5.49 -4.58
N ALA B 356 -27.18 4.64 -4.37
CA ALA B 356 -28.19 4.86 -3.35
C ALA B 356 -27.57 4.83 -1.97
N TRP B 357 -28.15 5.63 -1.10
CA TRP B 357 -28.04 5.41 0.32
C TRP B 357 -28.73 4.09 0.65
N VAL B 358 -27.96 3.13 1.18
CA VAL B 358 -28.46 1.80 1.48
C VAL B 358 -28.21 1.59 2.96
N SER B 359 -29.20 1.00 3.64
CA SER B 359 -29.13 0.74 5.05
C SER B 359 -28.46 -0.61 5.30
N LEU B 360 -27.45 -0.60 6.16
CA LEU B 360 -26.86 -1.84 6.63
C LEU B 360 -27.50 -2.23 7.96
N LYS B 361 -28.55 -1.50 8.36
CA LYS B 361 -29.30 -1.81 9.56
C LYS B 361 -28.41 -1.63 10.80
N GLY B 362 -28.70 -2.38 11.87
CA GLY B 362 -28.05 -2.17 13.14
C GLY B 362 -28.59 -0.96 13.89
N SER B 363 -28.06 -0.79 15.10
CA SER B 363 -28.40 0.35 15.91
C SER B 363 -27.12 0.85 16.60
N LEU B 364 -26.56 1.96 16.11
CA LEU B 364 -25.27 2.41 16.60
C LEU B 364 -25.41 3.60 17.55
N ILE B 365 -24.45 3.66 18.48
CA ILE B 365 -24.30 4.79 19.39
C ILE B 365 -22.95 5.48 19.12
N ASP B 366 -22.89 6.76 19.49
CA ASP B 366 -21.65 7.51 19.49
C ASP B 366 -20.97 7.28 20.85
N ALA B 367 -19.99 6.38 20.91
CA ALA B 367 -19.33 6.07 22.18
C ALA B 367 -18.06 6.88 22.40
N SER B 368 -17.86 7.95 21.60
CA SER B 368 -16.62 8.70 21.58
C SER B 368 -16.30 9.23 22.97
N ALA B 369 -15.05 9.03 23.41
CA ALA B 369 -14.64 9.34 24.77
C ALA B 369 -14.51 10.84 25.02
N ILE B 370 -14.36 11.62 23.95
CA ILE B 370 -14.38 13.08 23.98
C ILE B 370 -15.45 13.49 22.97
N LYS B 371 -16.43 14.28 23.41
CA LYS B 371 -17.47 14.83 22.54
C LYS B 371 -17.55 16.34 22.72
#